data_1MYP
#
_entry.id   1MYP
#
_cell.length_a   133.000
_cell.length_b   133.000
_cell.length_c   203.600
_cell.angle_alpha   90.00
_cell.angle_beta   90.00
_cell.angle_gamma   90.00
#
_symmetry.space_group_name_H-M   'P 41 21 2'
#
loop_
_entity.id
_entity.type
_entity.pdbx_description
1 polymer MYELOPEROXIDASE
2 polymer MYELOPEROXIDASE
3 branched 2-acetamido-2-deoxy-beta-D-glucopyranose-(1-4)-2-acetamido-2-deoxy-beta-D-glucopyranose
4 non-polymer 'CALCIUM ION'
5 non-polymer 'PROTOPORPHYRIN IX CONTAINING FE'
#
loop_
_entity_poly.entity_id
_entity_poly.type
_entity_poly.pdbx_seq_one_letter_code
_entity_poly.pdbx_strand_id
1 'polypeptide(L)'
;VTCPEQDKYRTITGMCNNRRSPTLGASNRAFVRWLPAEYEDGFSLPYGWTPGVKRNGFPVALARAVSNEIVRFPTDQLTP
DQERSLMFMQWGQLLDHDLDFTPEPAAR
;
A,B
2 'polypeptide(L)'
;VNCETSCVQQPPCFPLKIPPNDPRIKNQADCIPFFRSCPACPGSNITIRNQINALTSFVDASMVYGSEEPLARNLRNMSN
QLGLLAVNQRFQDNGRALLPFDNLHDDPCLLTNRSARIPCFLAGDTRSSEMPELTSMHTLLLREHNRLATELKSLNPRWD
GERLYQEARKIVGAMVQIITYRDYLPLVLGPTAMRKYLPTYRSYNDSVDPRIANVFTNAFRYGHTLIQPFMFRLDNRYQP
MEPNPRVPLSRVFFASWRVVLEGGIDPILRGLMATPAKLNRQNQIAVDEIRERLFEQVMRIGLDLPALNMQRSRDHGLPG
YNAWRRFCGLPQPETVGQLGTVLRNLKLARKLMEQYGTPNNIDIWMGGVSEPLKRKGRVGPLLACIIGTQFRKLRDGDRF
WWENEGVFSMQQRQALAQISLPRIICDNTGITTVSKNNIFMSNSYPRDFVNCSTLPALNLASWREA
;
C,D
#
loop_
_chem_comp.id
_chem_comp.type
_chem_comp.name
_chem_comp.formula
CA non-polymer 'CALCIUM ION' 'Ca 2'
HEM non-polymer 'PROTOPORPHYRIN IX CONTAINING FE' 'C34 H32 Fe N4 O4'
NAG D-saccharide, beta linking 2-acetamido-2-deoxy-beta-D-glucopyranose 'C8 H15 N O6'
#
# COMPACT_ATOMS: atom_id res chain seq x y z
N CYS A 3 -1.26 -19.52 -13.79
CA CYS A 3 -2.69 -19.24 -13.63
C CYS A 3 -3.47 -19.81 -14.83
N PRO A 4 -4.55 -20.59 -14.62
CA PRO A 4 -5.15 -21.39 -15.69
C PRO A 4 -5.98 -20.54 -16.65
N GLU A 5 -6.69 -21.26 -17.51
CA GLU A 5 -7.11 -20.77 -18.84
C GLU A 5 -8.53 -20.20 -18.80
N GLN A 6 -9.54 -21.22 -18.61
CA GLN A 6 -11.02 -21.06 -18.67
C GLN A 6 -11.70 -21.72 -17.44
N ASP A 7 -11.44 -21.30 -16.22
CA ASP A 7 -12.08 -21.71 -14.97
C ASP A 7 -13.59 -21.68 -15.11
N LYS A 8 -14.17 -22.84 -14.94
CA LYS A 8 -15.62 -23.02 -14.97
C LYS A 8 -16.19 -22.78 -13.57
N TYR A 9 -15.17 -23.02 -12.70
CA TYR A 9 -15.40 -22.79 -11.29
C TYR A 9 -14.25 -22.10 -10.61
N ARG A 10 -14.53 -21.65 -9.41
CA ARG A 10 -13.54 -20.93 -8.64
C ARG A 10 -12.45 -21.76 -8.05
N THR A 11 -11.50 -20.98 -7.54
CA THR A 11 -10.39 -21.56 -6.86
C THR A 11 -10.94 -21.77 -5.47
N ILE A 12 -10.10 -21.90 -4.47
CA ILE A 12 -10.73 -22.13 -3.18
C ILE A 12 -10.12 -21.18 -2.17
N THR A 13 -8.82 -21.07 -2.37
CA THR A 13 -7.92 -20.24 -1.60
C THR A 13 -7.95 -18.85 -2.23
N GLY A 14 -8.55 -18.80 -3.41
CA GLY A 14 -8.76 -17.60 -4.20
C GLY A 14 -7.54 -17.18 -5.00
N MET A 15 -6.60 -18.09 -5.12
CA MET A 15 -5.37 -17.77 -5.82
C MET A 15 -5.32 -16.99 -7.10
N CYS A 16 -6.38 -17.02 -7.92
CA CYS A 16 -6.35 -16.45 -9.22
C CYS A 16 -7.50 -15.71 -9.84
N ASN A 17 -8.19 -14.84 -9.09
CA ASN A 17 -9.37 -14.11 -9.50
C ASN A 17 -8.81 -13.00 -10.37
N ASN A 18 -7.69 -12.48 -9.87
CA ASN A 18 -6.93 -11.44 -10.55
C ASN A 18 -5.94 -12.16 -11.45
N ARG A 19 -6.29 -12.27 -12.73
CA ARG A 19 -5.38 -12.97 -13.60
C ARG A 19 -4.01 -12.29 -13.68
N ARG A 20 -3.95 -11.00 -13.28
CA ARG A 20 -2.82 -10.08 -13.26
C ARG A 20 -1.91 -10.02 -12.02
N SER A 21 -2.44 -10.01 -10.80
CA SER A 21 -1.84 -10.02 -9.47
C SER A 21 -2.53 -11.24 -8.86
N PRO A 22 -2.19 -12.45 -9.29
CA PRO A 22 -2.84 -13.65 -8.84
C PRO A 22 -3.14 -13.76 -7.35
N THR A 23 -2.18 -13.32 -6.55
CA THR A 23 -2.25 -13.34 -5.11
C THR A 23 -3.40 -12.54 -4.54
N LEU A 24 -3.88 -11.54 -5.27
CA LEU A 24 -4.94 -10.63 -4.87
C LEU A 24 -6.31 -11.16 -4.48
N GLY A 25 -6.73 -10.87 -3.24
CA GLY A 25 -8.01 -11.30 -2.71
C GLY A 25 -7.85 -12.63 -2.01
N ALA A 26 -6.69 -13.25 -2.27
CA ALA A 26 -6.31 -14.56 -1.74
C ALA A 26 -6.29 -14.70 -0.23
N SER A 27 -6.16 -15.96 0.17
CA SER A 27 -6.16 -16.40 1.55
C SER A 27 -4.78 -16.44 2.14
N ASN A 28 -4.65 -15.97 3.37
CA ASN A 28 -3.34 -16.03 3.99
C ASN A 28 -2.24 -15.14 3.45
N ARG A 29 -2.63 -14.01 2.85
CA ARG A 29 -1.75 -13.00 2.34
C ARG A 29 -2.15 -11.87 3.27
N ALA A 30 -1.37 -10.80 3.43
CA ALA A 30 -1.72 -9.73 4.36
C ALA A 30 -2.69 -8.66 3.92
N PHE A 31 -3.13 -7.92 4.93
CA PHE A 31 -4.11 -6.86 4.76
C PHE A 31 -3.68 -5.68 3.94
N VAL A 32 -4.69 -4.93 3.50
CA VAL A 32 -4.31 -3.74 2.79
C VAL A 32 -4.56 -2.56 3.70
N ARG A 33 -3.82 -1.53 3.40
CA ARG A 33 -3.85 -0.34 4.20
C ARG A 33 -4.18 0.91 3.41
N TRP A 34 -5.39 1.42 3.40
CA TRP A 34 -5.72 2.64 2.67
C TRP A 34 -5.16 3.95 3.23
N LEU A 35 -4.39 3.95 4.32
CA LEU A 35 -3.77 5.06 5.01
C LEU A 35 -2.60 4.50 5.80
N PRO A 36 -1.45 5.14 5.85
CA PRO A 36 -0.30 4.61 6.55
C PRO A 36 -0.57 4.05 7.92
N ALA A 37 0.39 3.36 8.50
CA ALA A 37 0.07 2.82 9.79
C ALA A 37 0.67 3.74 10.80
N GLU A 38 -0.12 3.88 11.84
CA GLU A 38 0.25 4.72 12.97
C GLU A 38 0.56 3.94 14.23
N TYR A 39 1.87 3.82 14.41
CA TYR A 39 2.37 3.12 15.56
C TYR A 39 3.10 4.12 16.42
N GLU A 40 3.49 3.70 17.61
CA GLU A 40 4.15 4.63 18.48
C GLU A 40 5.63 4.85 18.23
N ASP A 41 6.21 3.98 17.44
CA ASP A 41 7.62 4.13 17.12
C ASP A 41 7.62 4.49 15.65
N GLY A 42 6.56 3.99 15.02
CA GLY A 42 6.34 4.27 13.62
C GLY A 42 6.30 3.00 12.81
N PHE A 43 6.63 1.88 13.43
CA PHE A 43 6.64 0.68 12.63
C PHE A 43 6.14 -0.55 13.35
N SER A 44 6.06 -0.50 14.67
CA SER A 44 5.54 -1.70 15.31
C SER A 44 5.20 -1.68 16.79
N LEU A 45 4.77 -0.61 17.43
CA LEU A 45 4.45 -0.68 18.85
C LEU A 45 3.12 -0.01 19.18
N PRO A 46 2.17 -0.74 19.74
CA PRO A 46 0.87 -0.15 20.04
C PRO A 46 0.89 1.20 20.75
N TYR A 47 0.11 2.13 20.18
CA TYR A 47 0.00 3.49 20.69
C TYR A 47 -0.17 3.50 22.20
N GLY A 48 -0.93 2.55 22.70
CA GLY A 48 -0.99 2.61 24.14
C GLY A 48 0.04 1.64 24.69
N TRP A 49 1.26 1.64 24.20
CA TRP A 49 2.13 0.64 24.76
C TRP A 49 2.98 1.12 25.93
N THR A 50 3.98 1.98 25.68
CA THR A 50 4.84 2.55 26.71
C THR A 50 4.14 3.74 27.35
N PRO A 51 4.34 3.98 28.63
CA PRO A 51 3.65 5.13 29.19
C PRO A 51 4.37 6.46 29.07
N GLY A 52 3.48 7.45 29.06
CA GLY A 52 3.82 8.85 28.95
C GLY A 52 4.01 9.09 27.48
N VAL A 53 3.62 8.08 26.72
CA VAL A 53 3.78 8.32 25.32
C VAL A 53 2.45 8.83 24.82
N LYS A 54 2.52 10.04 24.29
CA LYS A 54 1.37 10.73 23.79
C LYS A 54 1.15 10.48 22.31
N ARG A 55 -0.12 10.35 21.97
CA ARG A 55 -0.45 10.11 20.59
C ARG A 55 -0.04 11.32 19.79
N ASN A 56 -0.74 12.40 20.09
CA ASN A 56 -0.35 13.55 19.33
C ASN A 56 -0.68 14.75 20.18
N GLY A 57 0.15 14.80 21.22
CA GLY A 57 0.12 15.80 22.27
C GLY A 57 -0.85 15.42 23.37
N PHE A 58 -1.45 14.23 23.33
CA PHE A 58 -2.40 13.82 24.34
C PHE A 58 -2.12 12.40 24.77
N PRO A 59 -2.33 12.11 26.04
CA PRO A 59 -2.05 10.84 26.64
C PRO A 59 -3.09 9.82 26.24
N VAL A 60 -2.56 8.74 25.66
CA VAL A 60 -3.40 7.66 25.21
C VAL A 60 -4.27 7.13 26.33
N ALA A 61 -5.55 7.34 26.06
CA ALA A 61 -6.58 6.91 26.97
C ALA A 61 -6.76 5.39 27.06
N LEU A 62 -6.92 4.86 28.26
CA LEU A 62 -7.15 3.44 28.45
C LEU A 62 -8.41 2.88 27.80
N ALA A 63 -8.35 1.73 27.15
CA ALA A 63 -9.58 1.22 26.56
C ALA A 63 -10.61 0.73 27.59
N ARG A 64 -10.17 0.17 28.72
CA ARG A 64 -11.22 -0.24 29.64
C ARG A 64 -12.00 1.03 30.01
N ALA A 65 -11.29 2.13 30.24
CA ALA A 65 -11.87 3.41 30.55
C ALA A 65 -12.65 4.02 29.41
N VAL A 66 -12.33 3.81 28.14
CA VAL A 66 -13.26 4.50 27.29
C VAL A 66 -14.55 3.70 27.26
N SER A 67 -14.34 2.39 27.29
CA SER A 67 -15.46 1.49 27.29
C SER A 67 -16.39 1.78 28.44
N ASN A 68 -15.79 2.28 29.51
CA ASN A 68 -16.58 2.58 30.69
C ASN A 68 -17.25 3.94 30.57
N GLU A 69 -16.35 5.03 29.98
CA GLU A 69 -17.08 6.28 30.18
C GLU A 69 -18.10 6.49 29.06
N ILE A 70 -17.88 6.17 27.88
CA ILE A 70 -18.91 6.41 26.88
C ILE A 70 -19.71 5.19 26.49
N VAL A 71 -19.13 4.03 26.74
CA VAL A 71 -19.88 2.86 26.38
C VAL A 71 -20.94 2.40 27.33
N ARG A 72 -20.60 2.44 28.62
CA ARG A 72 -21.52 1.99 29.65
C ARG A 72 -22.96 2.44 29.54
N PHE A 73 -23.88 1.58 29.99
CA PHE A 73 -25.29 1.89 29.95
C PHE A 73 -26.19 0.99 30.81
N PRO A 74 -27.39 1.43 31.23
CA PRO A 74 -28.28 0.63 32.04
C PRO A 74 -29.04 -0.34 31.15
N THR A 75 -28.51 -1.54 31.10
CA THR A 75 -29.09 -2.58 30.29
C THR A 75 -30.62 -2.53 30.24
N ASP A 76 -31.22 -2.01 31.29
CA ASP A 76 -32.66 -1.88 31.30
C ASP A 76 -33.29 -0.97 30.26
N GLN A 77 -32.57 0.00 29.66
CA GLN A 77 -33.05 0.99 28.70
C GLN A 77 -32.74 0.75 27.25
N LEU A 78 -32.87 -0.51 26.88
CA LEU A 78 -32.55 -0.96 25.54
C LEU A 78 -33.52 -0.43 24.50
N THR A 79 -33.11 -0.48 23.25
CA THR A 79 -34.09 0.02 22.32
C THR A 79 -34.23 -0.80 21.05
N PRO A 80 -35.34 -1.48 21.05
CA PRO A 80 -35.67 -2.36 19.97
C PRO A 80 -35.71 -1.59 18.65
N ASP A 81 -35.00 -2.18 17.69
CA ASP A 81 -34.96 -1.65 16.35
C ASP A 81 -36.19 -2.34 15.81
N GLN A 82 -37.21 -1.49 15.68
CA GLN A 82 -38.51 -1.87 15.23
C GLN A 82 -38.57 -1.98 13.72
N GLU A 83 -37.47 -1.65 13.04
CA GLU A 83 -37.44 -1.68 11.59
C GLU A 83 -36.58 -2.80 11.01
N ARG A 84 -35.90 -3.51 11.92
CA ARG A 84 -35.05 -4.62 11.56
C ARG A 84 -34.93 -5.66 12.66
N SER A 85 -34.93 -6.90 12.22
CA SER A 85 -34.81 -8.08 13.05
C SER A 85 -33.39 -8.58 13.23
N LEU A 86 -33.10 -9.31 14.31
CA LEU A 86 -31.78 -9.88 14.51
C LEU A 86 -31.12 -10.49 13.28
N MET A 87 -31.84 -11.27 12.52
CA MET A 87 -31.24 -11.87 11.34
C MET A 87 -30.32 -10.95 10.55
N PHE A 88 -30.56 -9.69 10.88
CA PHE A 88 -29.79 -8.57 10.40
C PHE A 88 -28.52 -8.58 11.23
N MET A 89 -28.55 -8.57 12.56
CA MET A 89 -27.28 -8.60 13.24
C MET A 89 -26.59 -9.94 13.05
N GLN A 90 -27.30 -10.97 12.59
CA GLN A 90 -26.67 -12.28 12.39
C GLN A 90 -26.19 -12.61 11.00
N TRP A 91 -26.20 -11.59 10.15
CA TRP A 91 -25.73 -11.80 8.80
C TRP A 91 -24.46 -10.97 8.76
N GLY A 92 -24.41 -10.08 9.74
CA GLY A 92 -23.24 -9.24 9.89
C GLY A 92 -22.08 -10.20 10.07
N GLN A 93 -22.32 -11.14 10.98
CA GLN A 93 -21.29 -12.13 11.27
C GLN A 93 -21.11 -13.04 10.08
N LEU A 94 -22.22 -13.62 9.64
CA LEU A 94 -22.05 -14.50 8.51
C LEU A 94 -21.27 -13.84 7.38
N LEU A 95 -21.30 -12.51 7.38
CA LEU A 95 -20.55 -11.73 6.43
C LEU A 95 -19.11 -11.56 6.90
N ASP A 96 -18.83 -10.93 8.05
CA ASP A 96 -17.49 -10.70 8.60
C ASP A 96 -16.67 -11.93 8.33
N HIS A 97 -17.32 -12.96 8.85
CA HIS A 97 -16.87 -14.32 8.85
C HIS A 97 -16.54 -14.86 7.46
N ASP A 98 -16.84 -14.08 6.42
CA ASP A 98 -16.52 -14.51 5.06
C ASP A 98 -15.49 -13.59 4.44
N LEU A 99 -15.33 -12.44 5.08
CA LEU A 99 -14.39 -11.48 4.53
C LEU A 99 -13.07 -11.48 5.29
N ASP A 100 -13.17 -11.27 6.59
CA ASP A 100 -11.91 -11.23 7.29
C ASP A 100 -11.72 -12.04 8.55
N PHE A 101 -10.43 -12.13 8.85
CA PHE A 101 -10.01 -12.86 10.02
C PHE A 101 -8.52 -12.69 10.13
N THR A 102 -8.10 -12.24 11.31
CA THR A 102 -6.69 -12.06 11.54
C THR A 102 -6.30 -12.94 12.70
N PRO A 103 -5.17 -13.63 12.59
CA PRO A 103 -4.73 -14.55 13.61
C PRO A 103 -3.90 -14.02 14.76
N GLU A 104 -3.81 -14.79 15.84
CA GLU A 104 -3.04 -14.49 17.05
C GLU A 104 -2.22 -15.75 17.16
N PRO A 105 -1.24 -15.84 18.05
CA PRO A 105 -0.51 -17.09 18.08
C PRO A 105 -0.81 -17.81 19.36
N ALA A 106 -1.17 -19.08 19.34
CA ALA A 106 -1.46 -19.76 20.58
C ALA A 106 -0.35 -19.64 21.61
N ASN B 2 2.45 -16.87 28.58
CA ASN B 2 1.03 -17.03 28.39
C ASN B 2 0.15 -15.89 28.87
N CYS B 3 -0.64 -15.43 27.89
CA CYS B 3 -1.59 -14.35 28.14
C CYS B 3 -3.00 -14.65 28.58
N GLU B 4 -3.29 -15.71 29.31
CA GLU B 4 -4.68 -15.76 29.65
C GLU B 4 -4.65 -15.65 31.16
N THR B 5 -3.72 -16.47 31.58
CA THR B 5 -3.40 -16.60 32.98
C THR B 5 -2.43 -15.49 33.41
N SER B 6 -1.79 -14.75 32.50
CA SER B 6 -0.85 -13.67 32.84
C SER B 6 -1.07 -12.23 32.36
N CYS B 7 -0.57 -11.26 33.16
CA CYS B 7 -0.60 -9.80 32.97
C CYS B 7 0.66 -9.00 32.59
N VAL B 8 1.80 -9.65 32.32
CA VAL B 8 2.98 -8.90 31.95
C VAL B 8 2.81 -8.32 30.55
N GLN B 9 3.52 -7.23 30.25
CA GLN B 9 3.42 -6.65 28.92
C GLN B 9 4.53 -7.31 28.14
N GLN B 10 4.09 -8.46 27.61
CA GLN B 10 5.26 -9.12 27.03
C GLN B 10 4.82 -10.02 25.85
N PRO B 11 5.48 -9.68 24.75
CA PRO B 11 5.36 -10.12 23.38
C PRO B 11 4.02 -10.69 22.92
N PRO B 12 3.82 -11.98 22.68
CA PRO B 12 2.49 -12.40 22.26
C PRO B 12 1.37 -11.52 22.83
N CYS B 13 1.53 -11.14 24.11
CA CYS B 13 0.64 -10.25 24.83
C CYS B 13 0.86 -8.76 24.70
N PHE B 14 -0.20 -8.00 25.01
CA PHE B 14 -0.43 -6.57 25.00
C PHE B 14 -1.72 -6.48 25.76
N PRO B 15 -1.67 -6.53 27.07
CA PRO B 15 -2.84 -6.54 27.93
C PRO B 15 -3.57 -5.24 28.15
N LEU B 16 -4.78 -5.40 28.70
CA LEU B 16 -5.64 -4.27 28.98
C LEU B 16 -5.66 -3.89 30.45
N LYS B 17 -4.87 -2.89 30.82
CA LYS B 17 -4.87 -2.44 32.20
C LYS B 17 -6.23 -1.90 32.59
N ILE B 18 -6.62 -2.09 33.86
CA ILE B 18 -7.90 -1.58 34.32
C ILE B 18 -7.90 -0.18 34.92
N PRO B 19 -9.05 0.45 35.07
CA PRO B 19 -8.87 1.75 35.66
C PRO B 19 -9.29 1.76 37.12
N PRO B 20 -9.30 2.94 37.70
CA PRO B 20 -9.59 3.10 39.11
C PRO B 20 -10.98 2.78 39.64
N ASN B 21 -11.81 3.11 38.48
CA ASN B 21 -13.14 2.87 39.06
C ASN B 21 -13.93 1.93 38.16
N ASP B 22 -13.38 0.53 38.08
CA ASP B 22 -14.11 -0.38 37.25
C ASP B 22 -15.39 -0.91 37.86
N PRO B 23 -16.31 -1.33 37.03
CA PRO B 23 -17.48 -1.86 37.69
C PRO B 23 -17.12 -3.33 37.91
N ARG B 24 -17.01 -4.10 36.84
CA ARG B 24 -16.67 -5.51 36.98
C ARG B 24 -15.36 -5.69 37.71
N ILE B 25 -14.26 -5.32 37.04
CA ILE B 25 -12.90 -5.53 37.49
C ILE B 25 -12.23 -4.71 38.59
N LYS B 26 -12.61 -4.94 39.82
CA LYS B 26 -12.11 -4.17 40.95
C LYS B 26 -10.72 -4.37 41.56
N ASN B 27 -9.61 -4.41 40.79
CA ASN B 27 -8.25 -4.59 41.27
C ASN B 27 -7.30 -4.06 40.20
N GLN B 28 -6.56 -3.01 40.54
CA GLN B 28 -5.69 -2.42 39.54
C GLN B 28 -4.49 -3.25 39.11
N ALA B 29 -4.46 -4.51 39.51
CA ALA B 29 -3.34 -5.35 39.13
C ALA B 29 -3.82 -6.42 38.16
N ASP B 30 -5.01 -6.21 37.63
CA ASP B 30 -5.58 -7.18 36.72
C ASP B 30 -5.78 -6.54 35.37
N CYS B 31 -6.22 -7.40 34.45
CA CYS B 31 -6.40 -7.00 33.07
C CYS B 31 -7.34 -7.95 32.36
N ILE B 32 -7.94 -7.47 31.28
CA ILE B 32 -8.74 -8.38 30.50
C ILE B 32 -7.63 -8.77 29.54
N PRO B 33 -7.51 -10.03 29.12
CA PRO B 33 -6.40 -10.41 28.28
C PRO B 33 -6.43 -10.06 26.81
N PHE B 34 -5.24 -10.00 26.22
CA PHE B 34 -5.06 -9.67 24.82
C PHE B 34 -3.81 -10.25 24.16
N PHE B 35 -3.98 -11.13 23.19
CA PHE B 35 -2.80 -11.65 22.51
C PHE B 35 -2.71 -10.83 21.25
N ARG B 36 -1.64 -10.09 21.04
CA ARG B 36 -1.72 -9.36 19.80
C ARG B 36 -1.67 -10.11 18.47
N SER B 37 -2.17 -9.42 17.45
CA SER B 37 -2.29 -9.91 16.08
C SER B 37 -1.02 -10.21 15.31
N CYS B 38 -0.95 -11.39 14.67
CA CYS B 38 0.20 -11.87 13.93
C CYS B 38 0.64 -11.14 12.67
N PRO B 39 1.90 -10.69 12.70
CA PRO B 39 2.55 -9.90 11.69
C PRO B 39 2.79 -10.58 10.35
N ALA B 40 2.91 -9.73 9.35
CA ALA B 40 3.13 -10.39 8.09
C ALA B 40 4.60 -10.71 7.90
N CYS B 41 5.48 -10.19 8.74
CA CYS B 41 6.89 -10.48 8.57
C CYS B 41 7.53 -10.56 9.94
N PRO B 42 7.81 -11.75 10.43
CA PRO B 42 8.42 -11.84 11.75
C PRO B 42 9.87 -11.55 11.45
N GLY B 43 10.49 -10.88 12.41
CA GLY B 43 11.90 -10.57 12.24
C GLY B 43 12.21 -9.48 11.23
N SER B 44 11.32 -8.47 11.19
CA SER B 44 11.59 -7.36 10.31
C SER B 44 11.91 -6.09 11.09
N ASN B 45 12.69 -5.22 10.48
CA ASN B 45 13.13 -4.01 11.14
C ASN B 45 12.95 -2.76 10.30
N ILE B 46 12.39 -2.93 9.10
CA ILE B 46 12.13 -1.90 8.11
C ILE B 46 10.72 -2.02 7.58
N THR B 47 10.20 -3.24 7.71
CA THR B 47 8.84 -3.45 7.28
C THR B 47 7.87 -2.71 8.22
N ILE B 48 6.88 -1.97 7.68
CA ILE B 48 5.96 -1.34 8.62
C ILE B 48 4.94 -2.45 8.93
N ARG B 49 4.67 -2.75 10.19
CA ARG B 49 3.80 -3.80 10.66
C ARG B 49 2.40 -3.93 10.11
N ASN B 50 2.19 -5.03 9.40
CA ASN B 50 0.90 -5.27 8.83
C ASN B 50 0.43 -6.62 9.32
N GLN B 51 -0.87 -6.79 9.35
CA GLN B 51 -1.37 -8.05 9.85
C GLN B 51 -1.96 -8.83 8.70
N ILE B 52 -2.10 -10.11 8.94
CA ILE B 52 -2.58 -11.09 7.99
C ILE B 52 -4.08 -11.29 8.03
N ASN B 53 -4.56 -11.81 6.92
CA ASN B 53 -5.95 -12.16 6.84
C ASN B 53 -5.97 -13.61 6.36
N ALA B 54 -6.55 -14.48 7.17
CA ALA B 54 -6.62 -15.90 6.89
C ALA B 54 -7.66 -16.29 5.87
N LEU B 55 -8.73 -15.53 5.85
CA LEU B 55 -9.87 -15.76 4.99
C LEU B 55 -9.68 -15.26 3.57
N THR B 56 -10.78 -15.19 2.81
CA THR B 56 -10.87 -14.71 1.44
C THR B 56 -11.79 -13.50 1.40
N SER B 57 -11.32 -12.45 0.75
CA SER B 57 -12.22 -11.33 0.77
C SER B 57 -13.44 -11.50 -0.11
N PHE B 58 -13.30 -12.35 -1.11
CA PHE B 58 -14.38 -12.54 -2.04
C PHE B 58 -15.64 -12.94 -1.31
N VAL B 59 -16.76 -12.66 -1.95
CA VAL B 59 -17.94 -13.12 -1.28
C VAL B 59 -18.13 -14.49 -1.92
N ASP B 60 -17.16 -15.34 -1.62
CA ASP B 60 -17.17 -16.73 -2.03
C ASP B 60 -17.88 -17.21 -0.77
N ALA B 61 -18.38 -18.42 -0.61
CA ALA B 61 -19.00 -18.62 0.69
C ALA B 61 -18.11 -19.46 1.60
N SER B 62 -16.99 -18.83 1.92
CA SER B 62 -15.87 -19.36 2.71
C SER B 62 -16.23 -19.99 4.03
N MET B 63 -17.11 -19.31 4.78
CA MET B 63 -17.48 -19.82 6.08
C MET B 63 -18.16 -21.16 5.96
N VAL B 64 -18.64 -21.49 4.76
CA VAL B 64 -19.29 -22.78 4.61
C VAL B 64 -18.32 -23.73 3.94
N TYR B 65 -17.64 -23.24 2.91
CA TYR B 65 -16.69 -24.02 2.13
C TYR B 65 -15.25 -24.08 2.63
N GLY B 66 -14.67 -22.99 3.13
CA GLY B 66 -13.30 -22.97 3.61
C GLY B 66 -12.37 -22.11 2.75
N SER B 67 -11.16 -21.80 3.22
CA SER B 67 -10.29 -20.99 2.41
C SER B 67 -8.84 -21.44 2.31
N GLU B 68 -8.70 -22.69 2.74
CA GLU B 68 -7.46 -23.40 2.78
C GLU B 68 -7.69 -24.85 2.44
N GLU B 69 -6.54 -25.40 1.69
CA GLU B 69 -7.25 -26.44 0.94
C GLU B 69 -7.09 -27.79 1.60
N PRO B 70 -6.30 -27.91 2.71
CA PRO B 70 -6.26 -29.13 3.50
C PRO B 70 -7.55 -29.30 4.24
N LEU B 71 -7.96 -28.10 4.90
CA LEU B 71 -9.26 -27.95 5.54
C LEU B 71 -10.40 -28.47 4.71
N ALA B 72 -10.66 -27.69 3.65
CA ALA B 72 -11.65 -27.83 2.60
C ALA B 72 -12.01 -29.24 2.17
N ARG B 73 -11.10 -30.05 1.58
CA ARG B 73 -11.14 -31.49 1.25
C ARG B 73 -11.74 -32.28 2.40
N ASN B 74 -11.48 -31.71 3.61
CA ASN B 74 -11.94 -32.34 4.83
C ASN B 74 -13.37 -31.99 5.20
N LEU B 75 -14.12 -31.40 4.29
CA LEU B 75 -15.46 -31.04 4.73
C LEU B 75 -16.49 -31.69 3.83
N ARG B 76 -15.91 -32.21 2.77
CA ARG B 76 -16.70 -32.93 1.81
C ARG B 76 -16.72 -34.36 2.30
N ASN B 77 -17.78 -35.05 1.88
CA ASN B 77 -17.83 -36.45 2.22
C ASN B 77 -17.32 -37.13 0.93
N MET B 78 -16.26 -37.92 1.13
CA MET B 78 -15.54 -38.59 0.06
C MET B 78 -15.64 -40.11 -0.07
N SER B 79 -16.84 -40.66 0.13
CA SER B 79 -16.99 -42.09 0.03
C SER B 79 -17.72 -42.33 -1.28
N ASN B 80 -18.86 -41.64 -1.31
CA ASN B 80 -19.66 -41.75 -2.50
C ASN B 80 -19.06 -40.80 -3.52
N GLN B 81 -19.83 -40.53 -4.56
CA GLN B 81 -19.45 -39.59 -5.60
C GLN B 81 -20.54 -38.54 -5.50
N LEU B 82 -21.36 -38.80 -4.48
CA LEU B 82 -22.44 -37.89 -4.15
C LEU B 82 -21.67 -36.66 -3.69
N GLY B 83 -21.89 -35.54 -4.37
CA GLY B 83 -21.12 -34.36 -3.99
C GLY B 83 -21.69 -33.89 -2.67
N LEU B 84 -20.95 -33.85 -1.56
CA LEU B 84 -21.65 -33.48 -0.34
C LEU B 84 -20.79 -33.07 0.84
N LEU B 85 -21.41 -32.11 1.51
CA LEU B 85 -20.77 -31.62 2.70
C LEU B 85 -20.98 -32.74 3.71
N ALA B 86 -19.89 -33.04 4.37
CA ALA B 86 -19.91 -34.08 5.38
C ALA B 86 -20.72 -33.56 6.56
N VAL B 87 -21.59 -34.43 7.09
CA VAL B 87 -22.46 -34.22 8.23
C VAL B 87 -22.03 -34.93 9.51
N ASN B 88 -22.73 -34.63 10.62
CA ASN B 88 -22.50 -35.19 11.94
C ASN B 88 -22.69 -36.70 11.88
N GLN B 89 -21.63 -37.47 12.10
CA GLN B 89 -21.77 -38.91 12.07
C GLN B 89 -22.88 -39.40 12.96
N ARG B 90 -23.02 -38.82 14.14
CA ARG B 90 -24.02 -39.39 15.00
C ARG B 90 -24.71 -38.49 15.99
N PHE B 91 -25.44 -37.47 15.59
CA PHE B 91 -26.05 -36.73 16.68
C PHE B 91 -27.16 -35.82 16.22
N GLN B 92 -28.07 -36.23 15.25
CA GLN B 92 -28.70 -35.32 14.29
C GLN B 92 -30.02 -34.79 14.86
N ASP B 93 -30.41 -33.69 13.90
CA ASP B 93 -31.45 -32.74 14.21
C ASP B 93 -32.86 -33.27 14.44
N ASN B 94 -33.50 -33.65 13.34
CA ASN B 94 -34.82 -34.22 13.37
C ASN B 94 -34.75 -35.00 12.10
N GLY B 95 -33.53 -35.49 11.90
CA GLY B 95 -33.22 -36.20 10.68
C GLY B 95 -32.75 -35.17 9.67
N ARG B 96 -32.25 -34.07 10.23
CA ARG B 96 -31.68 -32.98 9.46
C ARG B 96 -30.29 -32.76 10.04
N ALA B 97 -29.33 -32.65 9.15
CA ALA B 97 -27.91 -32.50 9.41
C ALA B 97 -27.45 -31.53 10.47
N LEU B 98 -26.40 -31.97 11.14
CA LEU B 98 -25.88 -31.02 12.09
C LEU B 98 -24.45 -30.85 11.59
N LEU B 99 -23.64 -29.95 12.15
CA LEU B 99 -22.30 -29.80 11.60
C LEU B 99 -21.45 -30.91 12.15
N PRO B 100 -20.28 -31.18 11.56
CA PRO B 100 -19.41 -32.20 12.08
C PRO B 100 -18.89 -31.78 13.45
N PHE B 101 -17.77 -32.37 13.85
CA PHE B 101 -17.23 -31.96 15.13
C PHE B 101 -15.78 -31.67 14.92
N ASP B 102 -15.36 -30.67 15.67
CA ASP B 102 -13.96 -30.43 15.48
C ASP B 102 -13.16 -31.30 16.42
N ASN B 103 -11.91 -31.42 16.07
CA ASN B 103 -10.92 -32.19 16.79
C ASN B 103 -9.99 -31.16 17.42
N LEU B 104 -10.41 -30.57 18.54
CA LEU B 104 -9.51 -29.56 19.06
C LEU B 104 -8.89 -29.68 20.45
N HIS B 105 -7.61 -29.29 20.50
CA HIS B 105 -6.81 -29.38 21.70
C HIS B 105 -7.19 -28.41 22.80
N ASP B 106 -8.33 -27.76 22.69
CA ASP B 106 -8.67 -26.82 23.73
C ASP B 106 -10.05 -26.26 23.46
N ASP B 107 -10.96 -27.20 23.34
CA ASP B 107 -12.36 -27.06 23.02
C ASP B 107 -13.15 -26.29 24.05
N PRO B 108 -13.38 -25.01 23.78
CA PRO B 108 -14.08 -24.16 24.70
C PRO B 108 -15.53 -24.51 24.93
N CYS B 109 -16.12 -24.97 23.84
CA CYS B 109 -17.53 -25.30 23.82
C CYS B 109 -17.84 -26.54 24.63
N LEU B 110 -16.78 -27.12 25.20
CA LEU B 110 -16.84 -28.29 26.06
C LEU B 110 -16.77 -27.87 27.52
N LEU B 111 -16.19 -26.70 27.71
CA LEU B 111 -16.10 -26.13 29.03
C LEU B 111 -17.44 -25.60 29.50
N THR B 112 -18.45 -25.62 28.63
CA THR B 112 -19.73 -25.09 29.04
C THR B 112 -20.55 -26.05 29.85
N ASN B 113 -20.50 -27.33 29.54
CA ASN B 113 -21.25 -28.28 30.31
C ASN B 113 -20.38 -29.51 30.44
N ARG B 114 -19.54 -29.52 31.49
CA ARG B 114 -18.60 -30.59 31.75
C ARG B 114 -19.23 -31.92 31.36
N SER B 115 -20.45 -32.09 31.86
CA SER B 115 -21.32 -33.22 31.67
C SER B 115 -21.65 -33.70 30.26
N ALA B 116 -22.10 -32.82 29.35
CA ALA B 116 -22.48 -33.19 27.98
C ALA B 116 -21.32 -33.30 27.00
N ARG B 117 -21.26 -34.43 25.78
CA ARG B 117 -20.03 -34.14 25.03
C ARG B 117 -20.34 -33.30 23.81
N ILE B 118 -20.50 -31.91 23.92
CA ILE B 118 -20.72 -31.26 22.64
C ILE B 118 -19.60 -30.32 22.21
N PRO B 119 -18.69 -30.81 21.37
CA PRO B 119 -17.60 -29.99 20.99
C PRO B 119 -17.95 -29.01 19.89
N CYS B 120 -16.93 -28.28 19.51
CA CYS B 120 -17.09 -27.26 18.51
C CYS B 120 -17.34 -27.90 17.16
N PHE B 121 -18.15 -27.16 16.43
CA PHE B 121 -18.47 -27.70 15.13
C PHE B 121 -17.39 -27.33 14.14
N LEU B 122 -17.02 -28.33 13.37
CA LEU B 122 -16.04 -28.13 12.31
C LEU B 122 -16.80 -27.45 11.17
N ALA B 123 -16.10 -26.56 10.47
CA ALA B 123 -16.70 -25.82 9.38
C ALA B 123 -15.77 -24.72 8.89
N GLY B 124 -16.19 -24.07 7.81
CA GLY B 124 -15.57 -22.98 7.07
C GLY B 124 -14.73 -21.98 7.86
N ASP B 125 -15.34 -21.49 8.93
CA ASP B 125 -14.70 -20.56 9.85
C ASP B 125 -14.45 -21.22 11.19
N THR B 126 -13.30 -20.87 11.75
CA THR B 126 -12.83 -21.37 13.02
C THR B 126 -13.67 -20.92 14.17
N ARG B 127 -14.54 -19.94 13.92
CA ARG B 127 -15.34 -19.40 15.00
C ARG B 127 -16.85 -19.34 14.76
N SER B 128 -17.49 -20.47 14.51
CA SER B 128 -18.91 -20.59 14.23
C SER B 128 -19.57 -21.19 15.45
N SER B 129 -18.84 -21.10 16.53
CA SER B 129 -19.47 -21.72 17.66
C SER B 129 -19.73 -20.60 18.64
N GLU B 130 -19.31 -19.39 18.29
CA GLU B 130 -19.48 -18.22 19.13
C GLU B 130 -20.87 -18.16 19.74
N MET B 131 -21.89 -18.09 18.87
CA MET B 131 -23.28 -18.01 19.29
C MET B 131 -24.04 -19.15 18.62
N PRO B 132 -24.86 -19.85 19.40
CA PRO B 132 -25.65 -20.94 18.86
C PRO B 132 -26.47 -20.31 17.73
N GLU B 133 -26.67 -19.00 17.81
CA GLU B 133 -27.43 -18.40 16.74
C GLU B 133 -26.59 -18.23 15.48
N LEU B 134 -25.25 -18.36 15.57
CA LEU B 134 -24.30 -18.27 14.46
C LEU B 134 -24.01 -19.66 13.89
N THR B 135 -23.95 -20.63 14.79
CA THR B 135 -23.70 -21.95 14.24
C THR B 135 -24.84 -22.42 13.35
N SER B 136 -26.04 -22.09 13.82
CA SER B 136 -27.30 -22.41 13.19
C SER B 136 -27.34 -22.00 11.72
N MET B 137 -26.82 -20.81 11.44
CA MET B 137 -26.76 -20.42 10.04
C MET B 137 -25.80 -21.32 9.27
N HIS B 138 -24.61 -21.59 9.82
CA HIS B 138 -23.67 -22.48 9.16
C HIS B 138 -24.36 -23.80 8.81
N THR B 139 -25.25 -24.23 9.70
CA THR B 139 -25.93 -25.48 9.41
C THR B 139 -26.75 -25.31 8.13
N LEU B 140 -27.66 -24.32 8.16
CA LEU B 140 -28.52 -23.92 7.06
C LEU B 140 -27.79 -23.80 5.72
N LEU B 141 -26.54 -23.32 5.75
CA LEU B 141 -25.79 -23.22 4.51
C LEU B 141 -25.13 -24.56 4.22
N LEU B 142 -24.86 -25.31 5.28
CA LEU B 142 -24.29 -26.62 5.11
C LEU B 142 -25.32 -27.40 4.35
N ARG B 143 -26.54 -27.09 4.76
CA ARG B 143 -27.70 -27.74 4.17
C ARG B 143 -27.89 -27.52 2.68
N GLU B 144 -28.26 -26.29 2.28
CA GLU B 144 -28.49 -26.03 0.88
C GLU B 144 -27.43 -26.66 -0.04
N HIS B 145 -26.23 -26.87 0.53
CA HIS B 145 -25.16 -27.49 -0.24
C HIS B 145 -25.41 -28.96 -0.47
N ASN B 146 -25.67 -29.71 0.61
CA ASN B 146 -25.93 -31.12 0.49
C ASN B 146 -27.23 -31.25 -0.30
N ARG B 147 -28.01 -30.18 -0.29
CA ARG B 147 -29.24 -30.28 -1.03
C ARG B 147 -29.13 -30.04 -2.53
N LEU B 148 -28.55 -28.91 -2.90
CA LEU B 148 -28.42 -28.57 -4.31
C LEU B 148 -27.74 -29.68 -5.11
N ALA B 149 -26.68 -30.17 -4.46
CA ALA B 149 -25.84 -31.25 -4.92
C ALA B 149 -26.73 -32.42 -5.25
N THR B 150 -27.65 -32.62 -4.33
CA THR B 150 -28.57 -33.72 -4.51
C THR B 150 -29.40 -33.54 -5.77
N GLU B 151 -30.27 -32.54 -5.75
CA GLU B 151 -31.13 -32.24 -6.87
C GLU B 151 -30.40 -32.07 -8.19
N LEU B 152 -29.16 -31.59 -8.12
CA LEU B 152 -28.50 -31.47 -9.40
C LEU B 152 -28.25 -32.92 -9.79
N LYS B 153 -28.05 -33.76 -8.77
CA LYS B 153 -27.81 -35.16 -9.14
C LYS B 153 -29.03 -35.72 -9.87
N SER B 154 -30.15 -35.14 -9.55
CA SER B 154 -31.41 -35.40 -10.21
C SER B 154 -31.54 -34.69 -11.55
N LEU B 155 -30.80 -33.64 -11.87
CA LEU B 155 -31.01 -33.11 -13.19
C LEU B 155 -29.89 -33.52 -14.13
N ASN B 156 -28.75 -33.96 -13.61
CA ASN B 156 -27.61 -34.40 -14.42
C ASN B 156 -26.90 -35.53 -13.69
N PRO B 157 -27.04 -36.74 -14.24
CA PRO B 157 -26.44 -37.88 -13.59
C PRO B 157 -24.96 -38.06 -13.82
N ARG B 158 -24.56 -38.43 -15.03
CA ARG B 158 -23.14 -38.68 -15.33
C ARG B 158 -22.14 -37.69 -14.75
N TRP B 159 -22.68 -36.60 -14.20
CA TRP B 159 -21.95 -35.51 -13.56
C TRP B 159 -21.23 -36.01 -12.33
N ASP B 160 -19.91 -35.90 -12.29
CA ASP B 160 -19.27 -36.42 -11.09
C ASP B 160 -19.47 -35.68 -9.75
N GLY B 161 -18.63 -36.05 -8.77
CA GLY B 161 -18.63 -35.48 -7.44
C GLY B 161 -18.12 -34.04 -7.46
N GLU B 162 -16.88 -33.84 -7.90
CA GLU B 162 -16.33 -32.50 -7.96
C GLU B 162 -17.27 -31.65 -8.78
N ARG B 163 -17.75 -32.25 -9.84
CA ARG B 163 -18.63 -31.32 -10.51
C ARG B 163 -19.98 -31.04 -9.89
N LEU B 164 -20.43 -31.96 -9.04
CA LEU B 164 -21.76 -31.75 -8.50
C LEU B 164 -21.68 -30.87 -7.27
N TYR B 165 -20.43 -30.82 -6.83
CA TYR B 165 -20.21 -30.05 -5.65
C TYR B 165 -19.78 -28.68 -6.09
N GLN B 166 -18.83 -28.69 -7.02
CA GLN B 166 -18.43 -27.40 -7.54
C GLN B 166 -19.59 -26.55 -8.08
N GLU B 167 -20.52 -27.14 -8.83
CA GLU B 167 -21.66 -26.42 -9.35
C GLU B 167 -22.46 -25.88 -8.18
N ALA B 168 -22.66 -26.74 -7.18
CA ALA B 168 -23.41 -26.41 -5.97
C ALA B 168 -22.79 -25.29 -5.17
N ARG B 169 -21.46 -25.34 -5.10
CA ARG B 169 -20.70 -24.30 -4.41
C ARG B 169 -20.91 -22.89 -4.98
N LYS B 170 -21.04 -22.84 -6.31
CA LYS B 170 -21.24 -21.65 -7.10
C LYS B 170 -22.60 -21.10 -6.71
N ILE B 171 -23.58 -21.99 -6.79
CA ILE B 171 -24.94 -21.62 -6.47
C ILE B 171 -24.96 -21.03 -5.09
N VAL B 172 -24.08 -21.52 -4.25
CA VAL B 172 -24.19 -20.93 -2.94
C VAL B 172 -23.58 -19.57 -2.76
N GLY B 173 -22.27 -19.45 -3.00
CA GLY B 173 -21.63 -18.14 -2.88
C GLY B 173 -22.44 -17.09 -3.62
N ALA B 174 -23.21 -17.59 -4.57
CA ALA B 174 -24.10 -16.77 -5.38
C ALA B 174 -25.27 -16.34 -4.52
N MET B 175 -25.85 -17.24 -3.73
CA MET B 175 -26.97 -16.84 -2.90
C MET B 175 -26.56 -15.78 -1.88
N VAL B 176 -25.39 -15.99 -1.29
CA VAL B 176 -24.86 -15.11 -0.28
C VAL B 176 -24.39 -13.72 -0.74
N GLN B 177 -24.09 -13.68 -2.03
CA GLN B 177 -23.63 -12.47 -2.67
C GLN B 177 -24.83 -11.57 -2.96
N ILE B 178 -25.75 -12.23 -3.66
CA ILE B 178 -27.00 -11.68 -4.16
C ILE B 178 -27.86 -11.24 -3.00
N ILE B 179 -27.79 -12.00 -1.92
CA ILE B 179 -28.63 -11.58 -0.82
C ILE B 179 -28.06 -10.49 0.06
N THR B 180 -26.78 -10.19 -0.13
CA THR B 180 -26.04 -9.34 0.74
C THR B 180 -25.94 -8.05 -0.03
N TYR B 181 -26.10 -8.19 -1.33
CA TYR B 181 -25.99 -6.94 -2.03
C TYR B 181 -27.38 -6.35 -2.26
N ARG B 182 -28.35 -7.25 -2.16
CA ARG B 182 -29.70 -6.81 -2.36
C ARG B 182 -30.48 -6.62 -1.07
N ASP B 183 -30.62 -7.65 -0.26
CA ASP B 183 -31.43 -7.39 0.91
C ASP B 183 -30.84 -7.12 2.25
N TYR B 184 -29.54 -6.88 2.32
CA TYR B 184 -28.95 -6.64 3.62
C TYR B 184 -28.29 -5.28 3.59
N LEU B 185 -27.33 -5.17 2.69
CA LEU B 185 -26.65 -3.89 2.63
C LEU B 185 -27.38 -2.57 2.62
N PRO B 186 -28.47 -2.54 1.89
CA PRO B 186 -29.22 -1.31 1.73
C PRO B 186 -29.97 -0.87 2.96
N LEU B 187 -30.03 -1.74 3.96
CA LEU B 187 -30.68 -1.47 5.23
C LEU B 187 -29.64 -1.15 6.28
N VAL B 188 -28.41 -1.57 6.02
CA VAL B 188 -27.25 -1.41 6.90
C VAL B 188 -26.32 -0.32 6.40
N LEU B 189 -26.83 0.53 5.52
CA LEU B 189 -26.03 1.56 4.88
C LEU B 189 -26.86 2.76 4.47
N GLY B 190 -28.10 2.53 4.10
CA GLY B 190 -28.80 3.74 3.76
C GLY B 190 -29.35 3.54 2.38
N PRO B 191 -29.91 4.58 1.75
CA PRO B 191 -30.42 4.50 0.40
C PRO B 191 -29.23 5.17 -0.26
N THR B 192 -29.17 6.48 -0.06
CA THR B 192 -28.09 7.34 -0.49
C THR B 192 -26.69 6.75 -0.53
N ALA B 193 -26.13 6.38 0.63
CA ALA B 193 -24.78 5.84 0.75
C ALA B 193 -24.54 4.90 -0.40
N MET B 194 -25.60 4.12 -0.50
CA MET B 194 -25.72 3.14 -1.53
C MET B 194 -25.67 3.79 -2.89
N ARG B 195 -26.19 4.97 -3.11
CA ARG B 195 -26.12 5.58 -4.43
C ARG B 195 -24.78 6.26 -4.62
N LYS B 196 -24.05 6.38 -3.52
CA LYS B 196 -22.76 7.02 -3.58
C LYS B 196 -21.73 5.93 -3.58
N TYR B 197 -22.06 4.79 -2.97
CA TYR B 197 -21.19 3.63 -2.87
C TYR B 197 -21.58 2.45 -3.74
N LEU B 198 -22.85 2.11 -3.79
CA LEU B 198 -23.14 1.01 -4.65
C LEU B 198 -23.93 1.45 -5.88
N PRO B 199 -23.20 1.97 -6.88
CA PRO B 199 -23.82 2.32 -8.13
C PRO B 199 -24.10 0.95 -8.72
N THR B 200 -24.82 0.88 -9.83
CA THR B 200 -25.05 -0.45 -10.32
C THR B 200 -23.89 -1.19 -10.96
N TYR B 201 -24.04 -2.49 -11.17
CA TYR B 201 -22.95 -3.27 -11.70
C TYR B 201 -22.75 -3.27 -13.21
N ARG B 202 -22.09 -2.25 -13.72
CA ARG B 202 -21.79 -2.19 -15.16
C ARG B 202 -21.12 -3.49 -15.61
N SER B 203 -19.94 -3.94 -14.99
CA SER B 203 -19.13 -5.13 -15.25
C SER B 203 -17.96 -5.19 -14.28
N TYR B 204 -17.07 -6.18 -14.45
CA TYR B 204 -15.88 -6.43 -13.66
C TYR B 204 -14.66 -5.67 -14.16
N ASN B 205 -13.85 -5.15 -13.25
CA ASN B 205 -12.68 -4.29 -13.50
C ASN B 205 -11.38 -4.94 -13.04
N ASP B 206 -10.59 -5.53 -13.94
CA ASP B 206 -9.38 -6.19 -13.50
C ASP B 206 -8.46 -5.33 -12.66
N SER B 207 -8.82 -4.04 -12.57
CA SER B 207 -8.02 -3.12 -11.80
C SER B 207 -8.71 -2.50 -10.61
N VAL B 208 -9.43 -3.31 -9.85
CA VAL B 208 -10.13 -2.88 -8.66
C VAL B 208 -9.45 -3.69 -7.56
N ASP B 209 -9.10 -3.13 -6.42
CA ASP B 209 -8.43 -3.91 -5.38
C ASP B 209 -9.45 -4.61 -4.49
N PRO B 210 -9.61 -5.88 -4.77
CA PRO B 210 -10.54 -6.77 -4.15
C PRO B 210 -10.29 -7.24 -2.72
N ARG B 211 -9.10 -6.91 -2.25
CA ARG B 211 -8.73 -7.33 -0.91
C ARG B 211 -9.32 -6.41 0.13
N ILE B 212 -9.31 -7.00 1.32
CA ILE B 212 -9.79 -6.39 2.53
C ILE B 212 -8.81 -5.46 3.19
N ALA B 213 -9.37 -4.29 3.44
CA ALA B 213 -8.67 -3.21 4.09
C ALA B 213 -8.54 -3.55 5.56
N ASN B 214 -7.39 -3.18 6.08
CA ASN B 214 -7.15 -3.42 7.48
C ASN B 214 -8.26 -2.76 8.29
N VAL B 215 -8.65 -1.52 8.04
CA VAL B 215 -9.69 -0.84 8.79
C VAL B 215 -11.08 -1.47 8.84
N PHE B 216 -11.56 -1.91 7.67
CA PHE B 216 -12.86 -2.53 7.54
C PHE B 216 -13.02 -3.50 8.69
N THR B 217 -11.87 -4.13 8.92
CA THR B 217 -11.71 -5.08 9.98
C THR B 217 -12.30 -4.53 11.26
N ASN B 218 -12.13 -3.24 11.51
CA ASN B 218 -12.67 -2.65 12.72
C ASN B 218 -13.99 -2.01 12.36
N ALA B 219 -14.06 -1.36 11.21
CA ALA B 219 -15.34 -0.76 10.90
C ALA B 219 -16.44 -1.79 10.87
N PHE B 220 -16.26 -2.98 10.29
CA PHE B 220 -17.36 -3.91 10.29
C PHE B 220 -17.88 -4.32 11.66
N ARG B 221 -17.10 -4.09 12.69
CA ARG B 221 -17.61 -4.48 13.98
C ARG B 221 -18.60 -3.45 14.54
N TYR B 222 -19.19 -2.68 13.65
CA TYR B 222 -20.14 -1.67 14.07
C TYR B 222 -21.35 -2.40 14.64
N GLY B 223 -21.56 -3.57 14.05
CA GLY B 223 -22.66 -4.48 14.36
C GLY B 223 -22.68 -4.96 15.80
N HIS B 224 -21.57 -4.68 16.45
CA HIS B 224 -21.52 -5.06 17.84
C HIS B 224 -22.60 -4.36 18.65
N THR B 225 -23.20 -3.31 18.09
CA THR B 225 -24.22 -2.50 18.74
C THR B 225 -25.63 -2.98 18.47
N LEU B 226 -25.70 -4.00 17.63
CA LEU B 226 -26.95 -4.58 17.22
C LEU B 226 -27.38 -5.71 18.12
N ILE B 227 -26.41 -6.30 18.83
CA ILE B 227 -26.64 -7.45 19.70
C ILE B 227 -27.45 -7.25 20.97
N GLN B 228 -28.33 -8.22 21.22
CA GLN B 228 -29.28 -8.32 22.32
C GLN B 228 -28.92 -9.28 23.42
N PRO B 229 -29.11 -8.79 24.64
CA PRO B 229 -28.79 -9.52 25.84
C PRO B 229 -29.14 -10.99 25.90
N PHE B 230 -29.98 -11.50 25.04
CA PHE B 230 -30.23 -12.88 25.34
C PHE B 230 -30.31 -13.65 24.07
N MET B 231 -30.64 -14.92 24.23
CA MET B 231 -30.82 -15.83 23.11
C MET B 231 -32.29 -16.21 23.18
N PHE B 232 -33.05 -15.89 22.14
CA PHE B 232 -34.47 -16.22 22.10
C PHE B 232 -34.67 -17.39 21.14
N ARG B 233 -35.53 -18.34 21.55
CA ARG B 233 -35.87 -19.54 20.80
C ARG B 233 -37.36 -19.78 20.92
N LEU B 234 -38.08 -19.85 19.80
CA LEU B 234 -39.50 -20.05 19.88
C LEU B 234 -39.99 -21.35 19.28
N ASP B 235 -40.95 -21.94 19.77
CA ASP B 235 -41.97 -22.96 19.44
C ASP B 235 -42.75 -22.53 18.18
N ASN B 236 -43.47 -23.83 17.51
CA ASN B 236 -43.91 -23.67 16.13
C ASN B 236 -44.97 -22.56 16.03
N ARG B 237 -45.36 -21.97 17.05
CA ARG B 237 -46.48 -21.02 17.09
C ARG B 237 -45.93 -19.61 17.29
N TYR B 238 -44.58 -19.56 17.22
CA TYR B 238 -43.99 -18.29 17.53
C TYR B 238 -44.16 -17.59 18.86
N GLN B 239 -44.66 -18.49 19.96
CA GLN B 239 -44.39 -17.69 21.16
C GLN B 239 -43.26 -18.30 21.96
N PRO B 240 -43.07 -17.69 23.15
CA PRO B 240 -42.20 -18.23 24.19
C PRO B 240 -41.92 -19.76 24.33
N MET B 241 -40.91 -20.28 23.61
CA MET B 241 -40.42 -21.68 23.58
C MET B 241 -39.71 -22.14 24.85
N GLU B 242 -40.19 -23.28 25.32
CA GLU B 242 -39.96 -23.93 26.59
C GLU B 242 -39.04 -25.02 27.12
N PRO B 243 -37.76 -24.99 26.75
CA PRO B 243 -36.79 -25.82 27.42
C PRO B 243 -36.61 -24.70 28.46
N ASN B 244 -36.46 -23.43 28.02
CA ASN B 244 -36.34 -22.11 28.66
C ASN B 244 -36.14 -20.88 27.75
N PRO B 245 -37.13 -20.02 27.51
CA PRO B 245 -37.09 -18.94 26.54
C PRO B 245 -35.92 -18.01 26.25
N ARG B 246 -35.63 -17.16 27.22
CA ARG B 246 -34.54 -16.25 27.03
C ARG B 246 -33.41 -16.61 27.97
N VAL B 247 -32.36 -17.04 27.27
CA VAL B 247 -31.13 -17.45 27.88
C VAL B 247 -30.21 -16.25 27.72
N PRO B 248 -29.56 -15.82 28.79
CA PRO B 248 -28.67 -14.68 28.66
C PRO B 248 -27.43 -15.08 27.87
N LEU B 249 -27.01 -14.06 27.15
CA LEU B 249 -25.87 -14.16 26.28
C LEU B 249 -24.66 -14.34 27.15
N SER B 250 -24.39 -15.55 27.60
CA SER B 250 -23.23 -15.64 28.43
C SER B 250 -23.14 -17.11 28.72
N ARG B 251 -24.21 -17.68 28.83
CA ARG B 251 -24.32 -19.14 28.96
C ARG B 251 -24.52 -19.76 27.58
N VAL B 252 -24.32 -18.79 26.71
CA VAL B 252 -24.39 -19.28 25.36
C VAL B 252 -23.08 -19.27 24.62
N PHE B 253 -22.07 -18.58 25.12
CA PHE B 253 -20.84 -18.57 24.36
C PHE B 253 -20.23 -19.93 24.16
N PHE B 254 -19.99 -20.35 22.93
CA PHE B 254 -19.44 -21.66 22.63
C PHE B 254 -20.42 -22.69 23.17
N ALA B 255 -21.70 -22.64 22.85
CA ALA B 255 -22.66 -23.60 23.40
C ALA B 255 -23.22 -24.67 22.46
N SER B 256 -22.36 -25.55 22.00
CA SER B 256 -22.87 -26.58 21.11
C SER B 256 -23.93 -27.51 21.67
N TRP B 257 -23.86 -27.85 22.97
CA TRP B 257 -24.80 -28.74 23.62
C TRP B 257 -26.21 -28.18 23.42
N ARG B 258 -26.30 -26.86 23.60
CA ARG B 258 -27.51 -26.07 23.45
C ARG B 258 -28.21 -26.40 22.15
N VAL B 259 -27.43 -26.60 21.09
CA VAL B 259 -27.99 -26.90 19.78
C VAL B 259 -28.41 -28.36 19.68
N VAL B 260 -27.53 -29.24 20.13
CA VAL B 260 -27.78 -30.65 20.03
C VAL B 260 -28.87 -31.21 20.92
N LEU B 261 -28.63 -30.95 22.20
CA LEU B 261 -29.44 -31.38 23.31
C LEU B 261 -30.62 -30.54 23.73
N GLU B 262 -30.46 -29.21 23.74
CA GLU B 262 -31.50 -28.31 24.19
C GLU B 262 -32.56 -28.01 23.13
N GLY B 263 -32.49 -28.52 21.91
CA GLY B 263 -33.61 -28.14 21.06
C GLY B 263 -33.32 -27.37 19.79
N GLY B 264 -33.18 -28.16 18.71
CA GLY B 264 -32.88 -27.83 17.33
C GLY B 264 -32.30 -26.49 16.90
N ILE B 265 -32.17 -26.36 15.58
CA ILE B 265 -31.65 -25.17 14.94
C ILE B 265 -32.82 -24.23 14.69
N ASP B 266 -33.97 -24.84 14.42
CA ASP B 266 -35.23 -24.17 14.16
C ASP B 266 -35.65 -23.10 15.17
N PRO B 267 -35.81 -23.54 16.41
CA PRO B 267 -36.25 -22.68 17.48
C PRO B 267 -35.44 -21.40 17.58
N ILE B 268 -34.32 -21.33 16.87
CA ILE B 268 -33.52 -20.14 17.00
C ILE B 268 -33.50 -19.35 15.72
N LEU B 269 -33.30 -20.16 14.68
CA LEU B 269 -33.24 -19.71 13.31
C LEU B 269 -34.44 -18.81 13.10
N ARG B 270 -35.36 -19.15 13.97
CA ARG B 270 -36.60 -18.45 13.89
C ARG B 270 -36.92 -18.01 15.29
N GLY B 271 -37.01 -16.72 15.49
CA GLY B 271 -37.18 -16.23 16.84
C GLY B 271 -36.03 -15.24 16.80
N LEU B 272 -35.23 -15.56 15.78
CA LEU B 272 -34.12 -14.72 15.41
C LEU B 272 -34.86 -13.73 14.52
N MET B 273 -35.81 -14.38 13.84
CA MET B 273 -36.83 -13.97 12.88
C MET B 273 -38.04 -13.23 13.45
N ALA B 274 -38.20 -13.33 14.76
CA ALA B 274 -39.35 -12.73 15.41
C ALA B 274 -38.96 -11.76 16.50
N THR B 275 -37.66 -11.56 16.64
CA THR B 275 -37.27 -10.67 17.69
C THR B 275 -36.52 -9.44 17.19
N PRO B 276 -37.07 -8.27 17.44
CA PRO B 276 -36.45 -7.03 17.02
C PRO B 276 -35.00 -7.00 17.44
N ALA B 277 -34.18 -6.57 16.45
CA ALA B 277 -32.75 -6.47 16.63
C ALA B 277 -32.53 -5.33 17.61
N LYS B 278 -31.33 -5.20 18.12
CA LYS B 278 -31.16 -4.14 19.09
C LYS B 278 -31.03 -2.81 18.38
N LEU B 279 -31.28 -1.72 19.08
CA LEU B 279 -31.06 -0.52 18.31
C LEU B 279 -29.98 0.37 18.93
N ASN B 280 -29.04 0.79 18.08
CA ASN B 280 -27.96 1.65 18.52
C ASN B 280 -28.40 3.10 18.59
N ARG B 281 -27.91 3.73 19.65
CA ARG B 281 -28.07 5.13 20.02
C ARG B 281 -27.01 5.42 21.04
N GLN B 282 -26.52 6.65 21.01
CA GLN B 282 -25.48 7.20 21.83
C GLN B 282 -25.61 7.08 23.35
N ASN B 283 -26.73 6.50 23.80
CA ASN B 283 -27.03 6.29 25.21
C ASN B 283 -27.19 4.80 25.45
N GLN B 284 -26.88 4.04 24.41
CA GLN B 284 -26.93 2.60 24.44
C GLN B 284 -25.94 2.07 23.43
N ILE B 285 -24.68 2.42 23.62
CA ILE B 285 -23.74 1.97 22.63
C ILE B 285 -23.73 0.45 22.48
N ALA B 286 -23.07 -0.22 23.41
CA ALA B 286 -22.99 -1.67 23.35
C ALA B 286 -23.37 -2.23 24.71
N VAL B 287 -23.56 -3.52 24.93
CA VAL B 287 -23.97 -3.70 26.31
C VAL B 287 -23.03 -4.59 27.11
N ASP B 288 -23.28 -4.62 28.42
CA ASP B 288 -22.66 -5.41 29.44
C ASP B 288 -22.75 -6.88 29.05
N GLU B 289 -23.90 -7.42 28.63
CA GLU B 289 -23.88 -8.84 28.29
C GLU B 289 -22.66 -9.27 27.49
N ILE B 290 -22.08 -8.26 26.84
CA ILE B 290 -20.86 -8.37 26.07
C ILE B 290 -19.84 -7.30 26.38
N ARG B 291 -20.09 -6.47 27.40
CA ARG B 291 -19.13 -5.46 27.78
C ARG B 291 -18.38 -6.14 28.91
N GLU B 292 -19.13 -6.75 29.83
CA GLU B 292 -18.65 -7.48 30.99
C GLU B 292 -18.81 -9.00 31.01
N ARG B 293 -19.21 -9.66 29.94
CA ARG B 293 -19.33 -11.10 30.11
C ARG B 293 -18.82 -11.88 28.92
N LEU B 294 -18.25 -11.16 27.98
CA LEU B 294 -17.72 -11.76 26.78
C LEU B 294 -16.98 -13.03 27.14
N PHE B 295 -17.34 -14.15 26.53
CA PHE B 295 -16.72 -15.43 26.80
C PHE B 295 -16.44 -15.63 28.27
N GLU B 296 -17.36 -15.67 29.22
CA GLU B 296 -16.72 -15.79 30.51
C GLU B 296 -16.83 -17.15 31.14
N GLN B 297 -17.64 -18.02 30.53
CA GLN B 297 -17.73 -19.34 31.12
C GLN B 297 -16.61 -20.26 30.67
N VAL B 298 -15.84 -19.73 29.70
CA VAL B 298 -14.70 -20.36 29.05
C VAL B 298 -13.34 -19.65 29.23
N MET B 299 -13.39 -18.46 29.85
CA MET B 299 -12.20 -17.67 30.12
C MET B 299 -12.02 -17.40 31.61
N ARG B 300 -10.90 -16.79 31.98
CA ARG B 300 -10.56 -16.46 33.36
C ARG B 300 -11.19 -15.24 34.00
N ILE B 301 -11.59 -14.32 33.14
CA ILE B 301 -12.23 -13.07 33.47
C ILE B 301 -12.99 -12.80 32.18
N GLY B 302 -14.16 -12.16 32.15
CA GLY B 302 -14.73 -12.12 30.82
C GLY B 302 -14.37 -10.96 29.90
N LEU B 303 -13.80 -11.09 28.72
CA LEU B 303 -13.60 -9.84 28.00
C LEU B 303 -14.66 -8.74 27.93
N ASP B 304 -14.14 -7.55 27.62
CA ASP B 304 -14.92 -6.38 27.40
C ASP B 304 -14.79 -6.24 25.90
N LEU B 305 -15.87 -6.52 25.17
CA LEU B 305 -15.85 -6.44 23.72
C LEU B 305 -15.34 -5.12 23.15
N PRO B 306 -16.20 -4.11 23.21
CA PRO B 306 -15.89 -2.79 22.70
C PRO B 306 -14.50 -2.33 23.12
N ALA B 307 -13.90 -2.97 24.13
CA ALA B 307 -12.58 -2.62 24.60
C ALA B 307 -11.53 -3.41 23.83
N LEU B 308 -11.89 -4.57 23.34
CA LEU B 308 -10.85 -5.27 22.64
C LEU B 308 -10.76 -4.59 21.29
N ASN B 309 -11.92 -4.00 21.01
CA ASN B 309 -12.08 -3.30 19.77
C ASN B 309 -11.10 -2.15 19.67
N MET B 310 -11.09 -1.25 20.64
CA MET B 310 -10.16 -0.13 20.55
C MET B 310 -8.73 -0.58 20.70
N GLN B 311 -8.63 -1.63 21.47
CA GLN B 311 -7.29 -2.10 21.70
C GLN B 311 -6.78 -2.86 20.49
N ARG B 312 -7.69 -3.49 19.76
CA ARG B 312 -7.38 -4.26 18.56
C ARG B 312 -7.02 -3.33 17.43
N SER B 313 -7.52 -2.12 17.65
CA SER B 313 -7.32 -1.05 16.70
C SER B 313 -5.92 -0.46 16.80
N ARG B 314 -5.36 -0.40 18.02
CA ARG B 314 -4.03 0.13 18.31
C ARG B 314 -3.07 -0.93 17.81
N ASP B 315 -3.59 -2.13 17.94
CA ASP B 315 -2.77 -3.23 17.51
C ASP B 315 -2.51 -3.11 16.04
N HIS B 316 -3.59 -3.02 15.29
CA HIS B 316 -3.42 -2.96 13.86
C HIS B 316 -2.58 -1.77 13.46
N GLY B 317 -2.66 -0.72 14.25
CA GLY B 317 -1.88 0.47 14.02
C GLY B 317 -2.63 1.42 13.12
N LEU B 318 -3.95 1.40 13.26
CA LEU B 318 -4.80 2.26 12.47
C LEU B 318 -4.79 3.70 12.97
N PRO B 319 -5.09 4.59 12.04
CA PRO B 319 -5.20 5.98 12.37
C PRO B 319 -6.57 6.15 12.96
N GLY B 320 -6.65 7.25 13.70
CA GLY B 320 -7.79 7.75 14.43
C GLY B 320 -8.93 8.17 13.52
N TYR B 321 -9.92 8.82 14.13
CA TYR B 321 -11.12 9.32 13.51
C TYR B 321 -11.03 10.57 12.67
N ASN B 322 -9.95 11.32 12.71
CA ASN B 322 -10.00 12.42 11.79
C ASN B 322 -9.29 12.02 10.51
N ALA B 323 -8.49 10.96 10.51
CA ALA B 323 -7.87 10.64 9.23
C ALA B 323 -8.83 10.13 8.18
N TRP B 324 -9.72 9.25 8.66
CA TRP B 324 -10.73 8.59 7.87
C TRP B 324 -11.89 9.52 7.65
N ARG B 325 -11.89 10.50 8.54
CA ARG B 325 -12.97 11.43 8.37
C ARG B 325 -12.64 12.19 7.11
N ARG B 326 -11.33 12.33 6.93
CA ARG B 326 -10.67 13.03 5.84
C ARG B 326 -10.47 12.19 4.58
N PHE B 327 -10.27 10.88 4.79
CA PHE B 327 -10.05 9.90 3.77
C PHE B 327 -11.34 9.78 2.98
N CYS B 328 -12.46 9.83 3.72
CA CYS B 328 -13.79 9.80 3.14
C CYS B 328 -13.97 11.29 2.90
N GLY B 329 -14.75 11.76 1.95
CA GLY B 329 -14.63 13.21 1.91
C GLY B 329 -15.27 14.07 2.98
N LEU B 330 -15.40 13.59 4.23
CA LEU B 330 -16.08 14.38 5.23
C LEU B 330 -15.34 15.33 6.15
N PRO B 331 -16.02 16.29 6.74
CA PRO B 331 -15.44 17.26 7.64
C PRO B 331 -14.76 16.68 8.85
N GLN B 332 -13.76 17.43 9.26
CA GLN B 332 -12.94 17.02 10.38
C GLN B 332 -12.94 17.93 11.62
N PRO B 333 -13.98 17.85 12.43
CA PRO B 333 -14.11 18.64 13.63
C PRO B 333 -12.87 18.62 14.50
N GLU B 334 -12.32 19.78 14.74
CA GLU B 334 -11.09 19.96 15.52
C GLU B 334 -11.39 20.77 16.78
N THR B 335 -12.62 20.52 17.35
CA THR B 335 -13.10 21.19 18.55
C THR B 335 -14.34 20.58 19.20
N VAL B 336 -14.54 20.67 20.53
CA VAL B 336 -15.75 20.10 21.09
C VAL B 336 -16.96 20.73 20.42
N GLY B 337 -16.79 22.01 20.12
CA GLY B 337 -17.82 22.78 19.44
C GLY B 337 -18.07 22.15 18.08
N GLN B 338 -16.99 21.94 17.36
CA GLN B 338 -17.12 21.35 16.05
C GLN B 338 -17.68 19.95 16.20
N LEU B 339 -17.28 19.27 17.29
CA LEU B 339 -17.72 17.91 17.58
C LEU B 339 -19.24 17.76 17.69
N GLY B 340 -19.91 18.55 18.51
CA GLY B 340 -21.36 18.45 18.59
C GLY B 340 -21.96 18.69 17.20
N THR B 341 -21.48 19.74 16.56
CA THR B 341 -21.98 20.04 15.24
C THR B 341 -22.05 18.76 14.40
N VAL B 342 -21.03 17.92 14.56
CA VAL B 342 -20.95 16.63 13.88
C VAL B 342 -21.73 15.44 14.42
N LEU B 343 -21.64 15.13 15.71
CA LEU B 343 -22.36 13.94 16.15
C LEU B 343 -23.62 14.21 16.96
N ARG B 344 -24.09 15.44 16.77
CA ARG B 344 -25.23 16.09 17.43
C ARG B 344 -25.42 15.53 18.84
N ASN B 345 -24.48 15.92 19.63
CA ASN B 345 -24.42 15.46 21.00
C ASN B 345 -23.33 16.09 21.84
N LEU B 346 -23.54 17.34 22.25
CA LEU B 346 -22.69 18.11 23.13
C LEU B 346 -22.19 17.18 24.23
N LYS B 347 -22.92 16.62 24.98
CA LYS B 347 -22.76 15.64 26.06
C LYS B 347 -21.73 14.58 25.67
N LEU B 348 -21.87 13.82 24.55
CA LEU B 348 -20.84 12.88 24.14
C LEU B 348 -19.57 13.42 23.55
N ALA B 349 -19.72 14.64 23.02
CA ALA B 349 -18.59 15.34 22.46
C ALA B 349 -17.68 15.77 23.61
N ARG B 350 -18.30 16.26 24.69
CA ARG B 350 -17.54 16.70 25.84
C ARG B 350 -16.95 15.48 26.50
N LYS B 351 -17.62 14.37 26.22
CA LYS B 351 -17.21 13.08 26.74
C LYS B 351 -15.98 12.54 26.02
N LEU B 352 -16.20 12.30 24.74
CA LEU B 352 -15.20 11.81 23.82
C LEU B 352 -13.96 12.66 23.91
N MET B 353 -14.19 13.95 24.04
CA MET B 353 -13.08 14.88 24.10
C MET B 353 -12.19 14.79 25.32
N GLU B 354 -12.73 14.24 26.40
CA GLU B 354 -11.91 14.12 27.59
C GLU B 354 -11.26 12.77 27.65
N GLN B 355 -11.85 11.90 26.85
CA GLN B 355 -11.22 10.63 26.90
C GLN B 355 -9.90 10.79 26.19
N TYR B 356 -10.12 11.32 25.00
CA TYR B 356 -9.14 11.57 23.96
C TYR B 356 -8.48 12.91 23.70
N GLY B 357 -8.54 13.94 24.52
CA GLY B 357 -7.88 15.18 24.12
C GLY B 357 -8.26 15.82 22.78
N THR B 358 -8.01 15.10 21.67
CA THR B 358 -8.28 15.56 20.31
C THR B 358 -9.20 14.62 19.55
N PRO B 359 -10.12 15.21 18.80
CA PRO B 359 -11.04 14.37 18.08
C PRO B 359 -10.22 13.56 17.11
N ASN B 360 -9.02 14.07 16.89
CA ASN B 360 -8.16 13.37 15.99
C ASN B 360 -7.52 12.08 16.44
N ASN B 361 -7.69 11.81 17.72
CA ASN B 361 -7.18 10.60 18.31
C ASN B 361 -8.20 9.62 18.86
N ILE B 362 -9.44 9.84 18.50
CA ILE B 362 -10.48 8.95 18.97
C ILE B 362 -10.52 7.70 18.12
N ASP B 363 -10.73 6.49 18.64
CA ASP B 363 -10.70 5.27 17.87
C ASP B 363 -11.84 5.11 16.89
N ILE B 364 -11.54 4.71 15.65
CA ILE B 364 -12.55 4.57 14.62
C ILE B 364 -13.82 3.93 15.12
N TRP B 365 -13.59 2.91 15.93
CA TRP B 365 -14.75 2.23 16.45
C TRP B 365 -15.55 3.34 17.09
N MET B 366 -15.01 3.91 18.15
CA MET B 366 -15.69 5.00 18.82
C MET B 366 -16.36 6.03 17.93
N GLY B 367 -15.57 6.68 17.09
CA GLY B 367 -16.01 7.70 16.17
C GLY B 367 -17.08 7.06 15.33
N GLY B 368 -16.69 5.95 14.72
CA GLY B 368 -17.62 5.21 13.90
C GLY B 368 -19.02 5.07 14.46
N VAL B 369 -19.15 4.19 15.45
CA VAL B 369 -20.38 3.86 16.12
C VAL B 369 -21.11 5.02 16.76
N SER B 370 -20.38 6.07 17.14
CA SER B 370 -21.11 7.14 17.78
C SER B 370 -21.69 8.24 16.89
N GLU B 371 -21.54 8.08 15.58
CA GLU B 371 -22.07 9.07 14.68
C GLU B 371 -23.55 8.75 14.63
N PRO B 372 -24.35 9.79 14.43
CA PRO B 372 -25.79 9.65 14.34
C PRO B 372 -26.09 8.65 13.24
N LEU B 373 -27.15 7.84 13.34
CA LEU B 373 -27.35 6.95 12.22
C LEU B 373 -27.72 7.71 10.96
N LYS B 374 -27.44 7.10 9.82
CA LYS B 374 -27.78 7.70 8.54
C LYS B 374 -29.26 7.50 8.27
N ARG B 375 -29.86 8.42 7.52
CA ARG B 375 -31.27 8.23 7.27
C ARG B 375 -31.70 6.93 6.61
N LYS B 376 -32.50 6.14 7.31
CA LYS B 376 -33.05 4.91 6.77
C LYS B 376 -32.10 3.73 6.78
N GLY B 377 -30.94 4.08 7.31
CA GLY B 377 -29.88 3.11 7.46
C GLY B 377 -29.46 3.02 8.91
N ARG B 378 -28.30 2.43 9.12
CA ARG B 378 -27.88 2.33 10.49
C ARG B 378 -26.37 2.35 10.61
N VAL B 379 -25.74 3.45 10.19
CA VAL B 379 -24.30 3.66 10.23
C VAL B 379 -24.08 5.14 9.94
N GLY B 380 -23.02 5.68 10.51
CA GLY B 380 -22.61 7.06 10.37
C GLY B 380 -22.02 7.43 9.03
N PRO B 381 -21.81 8.72 8.88
CA PRO B 381 -21.25 8.95 7.57
C PRO B 381 -19.83 8.42 7.44
N LEU B 382 -19.15 8.14 8.56
CA LEU B 382 -17.80 7.57 8.52
C LEU B 382 -17.73 6.13 7.99
N LEU B 383 -18.47 5.29 8.70
CA LEU B 383 -18.70 3.86 8.60
C LEU B 383 -19.46 3.54 7.32
N ALA B 384 -20.33 4.43 6.86
CA ALA B 384 -21.09 4.18 5.65
C ALA B 384 -20.10 4.28 4.51
N CYS B 385 -19.27 5.30 4.69
CA CYS B 385 -18.28 5.44 3.66
C CYS B 385 -17.37 4.23 3.80
N ILE B 386 -16.77 4.12 4.96
CA ILE B 386 -15.90 3.01 5.18
C ILE B 386 -16.51 1.64 4.90
N ILE B 387 -17.78 1.36 5.17
CA ILE B 387 -18.31 0.06 4.80
C ILE B 387 -18.70 0.03 3.32
N GLY B 388 -19.31 1.11 2.80
CA GLY B 388 -19.75 1.21 1.44
C GLY B 388 -18.65 1.04 0.40
N THR B 389 -17.46 1.54 0.67
CA THR B 389 -16.41 1.39 -0.32
C THR B 389 -15.75 0.02 -0.48
N GLN B 390 -15.62 -0.71 0.62
CA GLN B 390 -15.05 -2.03 0.60
C GLN B 390 -16.04 -2.89 -0.16
N PHE B 391 -17.31 -2.80 0.20
CA PHE B 391 -18.31 -3.59 -0.49
C PHE B 391 -18.28 -3.19 -1.97
N ARG B 392 -18.19 -1.92 -2.29
CA ARG B 392 -18.16 -1.59 -3.70
C ARG B 392 -17.11 -2.31 -4.53
N LYS B 393 -15.99 -2.68 -3.91
CA LYS B 393 -14.85 -3.33 -4.54
C LYS B 393 -14.74 -4.85 -4.59
N LEU B 394 -15.49 -5.54 -3.74
CA LEU B 394 -15.46 -6.99 -3.67
C LEU B 394 -16.25 -7.55 -4.85
N ARG B 395 -17.24 -6.73 -5.21
CA ARG B 395 -18.22 -6.85 -6.27
C ARG B 395 -17.57 -6.55 -7.60
N ASP B 396 -17.05 -5.33 -7.67
CA ASP B 396 -16.37 -4.94 -8.89
C ASP B 396 -15.01 -5.56 -9.07
N GLY B 397 -14.41 -6.12 -8.05
CA GLY B 397 -13.11 -6.70 -8.28
C GLY B 397 -13.14 -8.20 -8.15
N ASP B 398 -14.32 -8.76 -8.38
CA ASP B 398 -14.48 -10.21 -8.27
C ASP B 398 -15.03 -10.73 -9.56
N ARG B 399 -14.18 -11.52 -10.20
CA ARG B 399 -14.46 -12.16 -11.46
C ARG B 399 -15.51 -13.26 -11.34
N PHE B 400 -15.91 -13.57 -10.12
CA PHE B 400 -16.90 -14.60 -9.92
C PHE B 400 -18.20 -14.07 -9.32
N TRP B 401 -18.49 -12.80 -9.57
CA TRP B 401 -19.73 -12.21 -9.07
C TRP B 401 -20.79 -12.66 -10.05
N TRP B 402 -21.81 -13.37 -9.59
CA TRP B 402 -22.84 -13.86 -10.47
C TRP B 402 -23.23 -13.02 -11.68
N GLU B 403 -23.22 -11.71 -11.47
CA GLU B 403 -23.55 -10.84 -12.56
C GLU B 403 -22.47 -10.63 -13.60
N ASN B 404 -21.32 -11.29 -13.42
CA ASN B 404 -20.26 -11.13 -14.39
C ASN B 404 -20.67 -11.92 -15.61
N GLU B 405 -20.04 -11.19 -17.02
CA GLU B 405 -20.85 -11.96 -17.98
C GLU B 405 -20.08 -13.18 -18.48
N GLY B 406 -19.57 -14.06 -17.42
CA GLY B 406 -19.33 -15.36 -18.01
C GLY B 406 -19.46 -16.55 -17.04
N VAL B 407 -20.00 -16.26 -15.87
CA VAL B 407 -20.07 -17.22 -14.79
C VAL B 407 -21.18 -18.25 -14.73
N PHE B 408 -22.38 -17.74 -14.94
CA PHE B 408 -23.62 -18.46 -14.88
C PHE B 408 -24.05 -17.84 -16.17
N SER B 409 -25.04 -18.45 -16.84
CA SER B 409 -25.57 -17.98 -18.10
C SER B 409 -26.67 -16.99 -17.77
N MET B 410 -27.23 -16.38 -18.82
CA MET B 410 -28.30 -15.40 -18.68
C MET B 410 -29.46 -16.13 -18.05
N GLN B 411 -29.79 -17.07 -18.75
CA GLN B 411 -30.76 -18.14 -18.47
C GLN B 411 -30.67 -18.56 -16.99
N GLN B 412 -29.46 -19.02 -16.50
CA GLN B 412 -29.14 -19.46 -15.16
C GLN B 412 -29.57 -18.33 -14.23
N ARG B 413 -28.91 -17.19 -14.40
CA ARG B 413 -29.16 -16.00 -13.60
C ARG B 413 -30.63 -15.74 -13.38
N GLN B 414 -31.41 -15.92 -14.44
CA GLN B 414 -32.82 -15.63 -14.36
C GLN B 414 -33.54 -16.15 -13.15
N ALA B 415 -33.43 -17.45 -12.93
CA ALA B 415 -34.15 -17.84 -11.74
C ALA B 415 -33.35 -17.52 -10.50
N LEU B 416 -32.04 -17.44 -10.70
CA LEU B 416 -31.05 -17.18 -9.66
C LEU B 416 -31.28 -15.93 -8.82
N ALA B 417 -32.10 -15.02 -9.34
CA ALA B 417 -32.39 -13.80 -8.65
C ALA B 417 -33.77 -13.90 -8.06
N GLN B 418 -34.18 -15.12 -7.72
CA GLN B 418 -35.46 -15.48 -7.11
C GLN B 418 -35.19 -16.03 -5.73
N ILE B 419 -33.91 -16.31 -5.51
CA ILE B 419 -33.45 -16.85 -4.26
C ILE B 419 -33.54 -15.77 -3.22
N SER B 420 -34.16 -16.20 -2.13
CA SER B 420 -34.42 -15.40 -0.95
C SER B 420 -34.07 -16.29 0.21
N LEU B 421 -33.41 -15.67 1.19
CA LEU B 421 -33.06 -16.39 2.40
C LEU B 421 -34.23 -17.09 3.06
N PRO B 422 -35.35 -16.41 3.26
CA PRO B 422 -36.49 -17.02 3.91
C PRO B 422 -36.77 -18.39 3.33
N ARG B 423 -36.71 -18.48 2.01
CA ARG B 423 -36.97 -19.82 1.52
C ARG B 423 -35.84 -20.71 1.96
N ILE B 424 -34.63 -20.18 1.94
CA ILE B 424 -33.52 -21.00 2.38
C ILE B 424 -33.80 -21.61 3.75
N ILE B 425 -34.29 -20.75 4.63
CA ILE B 425 -34.62 -21.16 5.96
C ILE B 425 -35.96 -21.88 6.01
N CYS B 426 -36.47 -22.17 4.80
CA CYS B 426 -37.73 -22.87 4.69
C CYS B 426 -37.49 -24.28 4.14
N ASP B 427 -36.91 -24.33 2.96
CA ASP B 427 -36.59 -25.63 2.41
C ASP B 427 -35.77 -26.46 3.37
N ASN B 428 -34.73 -25.88 3.98
CA ASN B 428 -33.91 -26.63 4.90
C ASN B 428 -34.28 -26.86 6.37
N THR B 429 -35.33 -26.23 6.87
CA THR B 429 -35.68 -26.44 8.26
C THR B 429 -37.07 -27.00 8.37
N GLY B 430 -37.47 -27.23 9.62
CA GLY B 430 -38.76 -27.85 9.83
C GLY B 430 -39.87 -26.85 9.89
N ILE B 431 -39.47 -25.59 9.80
CA ILE B 431 -40.41 -24.50 9.92
C ILE B 431 -41.30 -24.16 8.75
N THR B 432 -42.55 -23.90 9.12
CA THR B 432 -43.58 -23.61 8.16
C THR B 432 -43.67 -22.17 7.65
N THR B 433 -44.19 -21.32 8.53
CA THR B 433 -44.45 -19.90 8.47
C THR B 433 -43.14 -19.13 8.72
N VAL B 434 -42.84 -18.24 7.78
CA VAL B 434 -41.65 -17.42 7.71
C VAL B 434 -41.97 -15.92 7.71
N SER B 435 -40.92 -15.13 7.83
CA SER B 435 -41.00 -13.68 7.84
C SER B 435 -40.87 -13.23 6.40
N LYS B 436 -41.55 -12.15 5.99
CA LYS B 436 -41.51 -11.65 4.61
C LYS B 436 -40.23 -11.01 4.10
N ASN B 437 -40.19 -11.00 2.76
CA ASN B 437 -39.10 -10.39 2.05
C ASN B 437 -38.39 -9.23 2.72
N ASN B 438 -37.08 -9.40 2.89
CA ASN B 438 -36.24 -8.46 3.59
C ASN B 438 -36.42 -8.94 5.00
N ILE B 439 -35.94 -10.16 5.11
CA ILE B 439 -35.96 -10.81 6.40
C ILE B 439 -35.50 -9.81 7.45
N PHE B 440 -34.34 -9.19 7.21
CA PHE B 440 -33.72 -8.25 8.14
C PHE B 440 -34.56 -7.11 8.66
N MET B 441 -35.56 -6.76 7.88
CA MET B 441 -36.37 -5.63 8.22
C MET B 441 -37.76 -5.92 8.79
N SER B 442 -38.05 -7.14 9.20
CA SER B 442 -39.38 -7.35 9.73
C SER B 442 -39.36 -8.16 11.01
N ASN B 443 -39.38 -7.48 12.15
CA ASN B 443 -39.34 -8.25 13.37
C ASN B 443 -40.62 -8.97 13.71
N SER B 444 -41.68 -8.17 13.61
CA SER B 444 -43.04 -8.57 13.93
C SER B 444 -43.57 -9.92 13.52
N TYR B 445 -44.37 -10.34 14.50
CA TYR B 445 -45.00 -11.64 14.38
C TYR B 445 -46.36 -12.06 14.90
N PRO B 446 -47.45 -11.51 14.45
CA PRO B 446 -48.74 -11.93 13.95
C PRO B 446 -48.72 -12.00 12.46
N ARG B 447 -48.45 -10.87 11.86
CA ARG B 447 -47.79 -10.85 10.58
C ARG B 447 -46.66 -9.88 10.57
N ASP B 448 -45.66 -10.28 9.81
CA ASP B 448 -44.55 -9.43 9.42
C ASP B 448 -43.48 -10.28 8.74
N PHE B 449 -44.83 -11.69 8.87
CA PHE B 449 -44.57 -12.99 8.27
C PHE B 449 -45.63 -13.52 7.30
N VAL B 450 -45.28 -14.58 6.55
CA VAL B 450 -46.12 -15.24 5.54
C VAL B 450 -45.96 -16.76 5.54
N ASN B 451 -46.56 -17.52 4.61
CA ASN B 451 -46.45 -18.97 4.58
C ASN B 451 -45.39 -19.54 3.64
N CYS B 452 -45.23 -20.86 3.60
CA CYS B 452 -44.20 -21.36 2.70
C CYS B 452 -44.56 -21.66 1.25
N SER B 453 -45.67 -21.04 0.86
CA SER B 453 -46.12 -21.25 -0.49
C SER B 453 -46.11 -19.94 -1.26
N THR B 454 -46.06 -18.91 -0.41
CA THR B 454 -45.95 -17.53 -0.80
C THR B 454 -44.46 -17.23 -0.92
N LEU B 455 -43.76 -18.09 -1.66
CA LEU B 455 -42.34 -17.94 -1.84
C LEU B 455 -41.90 -18.88 -2.95
N PRO B 456 -41.23 -18.24 -3.90
CA PRO B 456 -40.74 -18.97 -5.05
C PRO B 456 -39.62 -19.91 -4.66
N ALA B 457 -39.12 -20.64 -5.66
CA ALA B 457 -38.05 -21.62 -5.55
C ALA B 457 -36.99 -21.49 -6.63
N LEU B 458 -36.21 -22.55 -6.83
CA LEU B 458 -35.21 -22.39 -7.85
C LEU B 458 -35.60 -22.98 -9.20
N ASN B 459 -34.61 -23.16 -10.04
CA ASN B 459 -34.91 -23.73 -11.32
C ASN B 459 -33.59 -24.33 -11.76
N LEU B 460 -33.16 -25.28 -10.93
CA LEU B 460 -31.93 -25.96 -11.29
C LEU B 460 -32.10 -26.50 -12.70
N ALA B 461 -33.39 -26.53 -13.13
CA ALA B 461 -33.86 -26.88 -14.45
C ALA B 461 -32.79 -26.29 -15.33
N SER B 462 -32.75 -24.96 -15.21
CA SER B 462 -31.82 -24.13 -15.93
C SER B 462 -30.36 -24.57 -15.78
N TRP B 463 -29.70 -25.38 -15.00
CA TRP B 463 -28.48 -26.19 -14.78
C TRP B 463 -28.54 -27.44 -15.65
N CYS C 3 9.23 11.47 18.26
CA CYS C 3 9.48 12.72 17.58
C CYS C 3 9.22 13.89 18.56
N PRO C 4 10.00 14.83 18.36
CA PRO C 4 10.21 15.86 19.36
C PRO C 4 8.94 16.52 19.82
N GLU C 5 9.25 17.46 20.69
CA GLU C 5 8.32 18.32 21.41
C GLU C 5 8.62 19.79 21.08
N GLN C 6 9.93 19.27 19.24
CA GLN C 6 9.96 20.55 18.51
C GLN C 6 11.34 20.78 17.89
N ASP C 7 11.36 21.01 16.47
CA ASP C 7 12.57 20.89 15.54
C ASP C 7 12.77 22.15 14.68
N LYS C 8 14.21 22.81 14.75
CA LYS C 8 14.76 23.89 13.87
C LYS C 8 15.23 23.30 12.54
N TYR C 9 16.01 22.26 12.63
CA TYR C 9 16.58 21.46 11.56
C TYR C 9 16.01 20.07 11.28
N ARG C 10 16.17 19.60 10.05
CA ARG C 10 15.70 18.29 9.67
C ARG C 10 16.59 17.25 10.31
N THR C 11 16.07 16.05 10.29
CA THR C 11 16.82 14.90 10.74
C THR C 11 17.48 14.39 9.48
N ILE C 12 18.56 13.66 9.62
CA ILE C 12 19.30 13.13 8.49
C ILE C 12 18.71 11.89 7.81
N THR C 13 18.25 10.93 8.58
CA THR C 13 17.62 9.71 8.10
C THR C 13 16.17 10.02 7.72
N GLY C 14 15.84 11.30 7.80
CA GLY C 14 14.51 11.81 7.52
C GLY C 14 13.47 11.14 8.40
N MET C 15 13.56 11.26 9.72
CA MET C 15 12.63 10.55 10.57
C MET C 15 11.38 11.15 11.19
N CYS C 16 11.44 12.18 12.03
CA CYS C 16 10.26 12.93 12.43
C CYS C 16 9.65 13.89 11.79
N ASN C 17 9.80 13.79 10.47
CA ASN C 17 9.34 14.82 9.59
C ASN C 17 7.86 14.88 9.84
N ASN C 18 7.23 13.79 9.43
CA ASN C 18 5.80 13.65 9.60
C ASN C 18 5.66 13.18 11.02
N ARG C 19 4.72 13.80 11.71
CA ARG C 19 4.53 13.35 13.06
C ARG C 19 3.64 12.14 13.26
N ARG C 20 2.59 11.92 12.48
CA ARG C 20 1.76 10.75 12.71
C ARG C 20 2.46 9.43 12.40
N SER C 21 3.15 9.37 11.27
CA SER C 21 3.90 8.19 10.86
C SER C 21 5.39 8.52 10.86
N PRO C 22 6.10 8.54 11.99
CA PRO C 22 7.51 8.89 11.99
C PRO C 22 8.35 8.27 10.86
N THR C 23 7.98 7.07 10.43
CA THR C 23 8.65 6.34 9.38
C THR C 23 8.55 6.85 7.94
N LEU C 24 7.56 7.68 7.61
CA LEU C 24 7.31 8.20 6.26
C LEU C 24 8.38 9.00 5.56
N GLY C 25 8.76 8.47 4.41
CA GLY C 25 9.77 8.99 3.50
C GLY C 25 11.14 8.94 4.12
N ALA C 26 11.36 7.93 4.93
CA ALA C 26 12.64 7.79 5.60
C ALA C 26 13.72 6.94 4.91
N SER C 27 14.77 6.58 5.65
CA SER C 27 15.90 5.82 5.13
C SER C 27 15.74 4.34 5.34
N ASN C 28 16.60 3.42 4.54
CA ASN C 28 16.56 1.95 4.67
C ASN C 28 15.15 1.50 5.09
N ARG C 29 13.91 2.11 4.35
CA ARG C 29 12.52 1.79 4.48
C ARG C 29 12.02 1.41 3.11
N ALA C 30 10.96 0.61 3.17
CA ALA C 30 10.34 0.10 1.97
C ALA C 30 9.82 1.10 0.97
N PHE C 31 9.58 0.64 -0.25
CA PHE C 31 9.10 1.49 -1.31
C PHE C 31 7.62 1.45 -1.19
N VAL C 32 6.98 2.47 -1.71
CA VAL C 32 5.54 2.60 -1.71
C VAL C 32 4.99 1.95 -2.96
N ARG C 33 3.73 1.60 -2.90
CA ARG C 33 3.11 0.99 -4.07
C ARG C 33 1.87 1.73 -4.48
N TRP C 34 1.83 2.26 -5.70
CA TRP C 34 0.68 2.96 -6.25
C TRP C 34 -0.33 2.07 -6.95
N LEU C 35 0.11 0.85 -7.29
CA LEU C 35 -0.58 -0.22 -7.95
C LEU C 35 -0.05 -1.56 -7.42
N PRO C 36 -0.87 -2.59 -7.21
CA PRO C 36 -0.34 -3.86 -6.76
C PRO C 36 0.67 -4.43 -7.76
N ALA C 37 1.68 -5.08 -7.18
CA ALA C 37 2.80 -5.72 -7.83
C ALA C 37 2.27 -6.73 -8.81
N GLU C 38 3.08 -6.96 -9.83
CA GLU C 38 2.78 -7.89 -10.90
C GLU C 38 3.90 -8.90 -11.13
N TYR C 39 3.95 -9.93 -10.30
CA TYR C 39 4.95 -10.97 -10.46
C TYR C 39 4.36 -12.22 -11.09
N GLU C 40 5.22 -13.18 -11.44
CA GLU C 40 4.73 -14.40 -12.06
C GLU C 40 4.12 -15.43 -11.10
N ASP C 41 4.79 -15.52 -9.96
CA ASP C 41 4.45 -16.33 -8.82
C ASP C 41 3.10 -15.80 -8.40
N GLY C 42 3.21 -14.51 -8.12
CA GLY C 42 2.12 -13.67 -7.68
C GLY C 42 2.67 -12.85 -6.53
N PHE C 43 3.71 -13.39 -5.91
CA PHE C 43 4.41 -12.84 -4.77
C PHE C 43 5.87 -12.53 -5.00
N SER C 44 6.57 -13.23 -5.91
CA SER C 44 7.96 -12.88 -5.87
C SER C 44 8.91 -13.34 -6.95
N LEU C 45 8.45 -13.40 -8.19
CA LEU C 45 9.31 -13.88 -9.24
C LEU C 45 9.07 -13.10 -10.50
N PRO C 46 10.08 -12.34 -10.90
CA PRO C 46 10.02 -11.53 -12.09
C PRO C 46 9.45 -12.22 -13.32
N TYR C 47 8.51 -11.59 -14.01
CA TYR C 47 7.95 -12.15 -15.22
C TYR C 47 9.21 -12.08 -16.06
N GLY C 48 9.37 -13.02 -16.97
CA GLY C 48 10.60 -12.99 -17.71
C GLY C 48 11.49 -13.76 -16.76
N TRP C 49 11.01 -14.90 -16.31
CA TRP C 49 11.82 -15.67 -15.40
C TRP C 49 11.72 -17.10 -15.83
N THR C 50 10.54 -17.70 -15.74
CA THR C 50 10.49 -19.05 -16.26
C THR C 50 10.20 -18.84 -17.74
N PRO C 51 10.58 -19.75 -18.63
CA PRO C 51 10.48 -19.70 -20.07
C PRO C 51 9.27 -20.55 -20.38
N GLY C 52 8.38 -19.96 -21.14
CA GLY C 52 7.18 -20.74 -21.37
C GLY C 52 6.15 -20.00 -20.54
N VAL C 53 6.60 -19.12 -19.63
CA VAL C 53 5.65 -18.34 -18.87
C VAL C 53 5.24 -17.12 -19.68
N LYS C 54 3.94 -16.81 -19.69
CA LYS C 54 3.42 -15.74 -20.51
C LYS C 54 2.94 -14.53 -19.73
N ARG C 55 3.10 -13.13 -20.40
CA ARG C 55 2.56 -12.30 -19.32
C ARG C 55 1.05 -12.48 -19.22
N ASN C 56 0.27 -11.43 -19.91
CA ASN C 56 -1.20 -11.49 -19.90
C ASN C 56 -1.69 -12.65 -20.78
N GLY C 57 -1.19 -12.95 -22.15
CA GLY C 57 -1.46 -14.02 -23.11
C GLY C 57 -0.29 -14.17 -24.07
N PHE C 58 0.65 -13.29 -23.80
CA PHE C 58 1.74 -13.28 -24.72
C PHE C 58 2.98 -13.57 -23.93
N PRO C 59 3.94 -14.03 -24.71
CA PRO C 59 5.23 -14.38 -24.21
C PRO C 59 5.81 -13.05 -23.82
N VAL C 60 6.83 -13.16 -23.00
CA VAL C 60 7.44 -11.92 -22.55
C VAL C 60 8.70 -11.65 -23.33
N ALA C 61 8.75 -10.43 -23.90
CA ALA C 61 9.89 -10.00 -24.67
C ALA C 61 11.19 -10.24 -23.91
N LEU C 62 12.33 -9.91 -24.50
CA LEU C 62 13.60 -10.08 -23.83
C LEU C 62 14.16 -8.68 -23.70
N ALA C 63 14.76 -8.26 -22.59
CA ALA C 63 15.19 -6.88 -22.62
C ALA C 63 16.26 -6.56 -23.67
N ARG C 64 17.30 -7.37 -23.76
CA ARG C 64 18.32 -7.09 -24.74
C ARG C 64 17.63 -7.15 -26.08
N ALA C 65 16.52 -7.88 -26.12
CA ALA C 65 15.78 -7.97 -27.36
C ALA C 65 15.08 -6.68 -27.78
N VAL C 66 14.35 -6.05 -26.87
CA VAL C 66 13.70 -4.89 -27.41
C VAL C 66 14.59 -3.69 -27.53
N SER C 67 15.73 -3.72 -26.85
CA SER C 67 16.57 -2.54 -26.97
C SER C 67 17.14 -2.50 -28.36
N ASN C 68 17.46 -3.72 -28.79
CA ASN C 68 18.01 -4.03 -30.09
C ASN C 68 17.08 -3.51 -31.16
N GLU C 69 15.79 -3.64 -30.86
CA GLU C 69 14.80 -3.19 -31.81
C GLU C 69 14.30 -1.77 -31.72
N ILE C 70 13.84 -1.35 -30.55
CA ILE C 70 13.27 -0.01 -30.42
C ILE C 70 14.24 1.11 -30.15
N VAL C 71 15.30 0.75 -29.44
CA VAL C 71 16.33 1.68 -29.05
C VAL C 71 17.57 1.86 -29.91
N ARG C 72 18.19 0.82 -30.41
CA ARG C 72 19.35 1.00 -31.27
C ARG C 72 19.09 2.01 -32.39
N PHE C 73 19.89 3.08 -32.39
CA PHE C 73 19.78 4.14 -33.38
C PHE C 73 21.19 4.48 -33.85
N PRO C 74 21.38 4.95 -35.10
CA PRO C 74 22.71 5.32 -35.55
C PRO C 74 23.18 6.57 -34.81
N THR C 75 24.06 6.26 -33.88
CA THR C 75 24.68 7.19 -32.96
C THR C 75 25.12 8.48 -33.59
N ASP C 76 25.11 8.52 -34.89
CA ASP C 76 25.50 9.74 -35.55
C ASP C 76 24.32 10.52 -36.10
N GLN C 77 23.10 10.02 -35.92
CA GLN C 77 21.98 10.77 -36.45
C GLN C 77 21.42 11.72 -35.41
N LEU C 78 22.07 11.74 -34.25
CA LEU C 78 21.71 12.51 -33.09
C LEU C 78 21.21 13.91 -33.28
N THR C 79 20.08 13.97 -32.64
CA THR C 79 19.56 15.29 -32.76
C THR C 79 19.76 16.12 -31.51
N PRO C 80 20.44 17.25 -31.62
CA PRO C 80 20.67 18.08 -30.46
C PRO C 80 19.48 18.93 -30.11
N ASP C 81 19.07 18.73 -28.87
CA ASP C 81 17.96 19.46 -28.35
C ASP C 81 18.37 20.91 -28.14
N GLN C 82 18.11 21.76 -29.13
CA GLN C 82 18.46 23.18 -29.13
C GLN C 82 17.89 24.06 -28.02
N GLU C 83 16.89 23.59 -27.28
CA GLU C 83 16.33 24.43 -26.24
C GLU C 83 16.68 24.03 -24.82
N ARG C 84 17.33 22.88 -24.66
CA ARG C 84 17.71 22.41 -23.34
C ARG C 84 19.21 22.29 -23.32
N SER C 85 19.85 22.42 -22.16
CA SER C 85 21.30 22.29 -21.97
C SER C 85 21.70 21.08 -21.16
N LEU C 86 22.87 20.53 -21.45
CA LEU C 86 23.36 19.38 -20.73
C LEU C 86 23.30 19.45 -19.19
N MET C 87 23.24 20.75 -18.56
CA MET C 87 23.12 20.69 -17.09
C MET C 87 21.74 20.20 -16.70
N PHE C 88 20.93 20.10 -17.76
CA PHE C 88 19.56 19.79 -17.49
C PHE C 88 19.44 18.32 -17.20
N MET C 89 20.43 17.69 -17.80
CA MET C 89 20.45 16.27 -17.59
C MET C 89 21.16 16.01 -16.28
N GLN C 90 22.18 16.82 -16.00
CA GLN C 90 22.84 16.59 -14.74
C GLN C 90 21.90 16.86 -13.57
N TRP C 91 21.15 17.95 -13.53
CA TRP C 91 20.28 18.12 -12.40
C TRP C 91 19.41 16.87 -12.26
N GLY C 92 19.10 16.29 -13.41
CA GLY C 92 18.31 15.08 -13.44
C GLY C 92 18.92 13.97 -12.61
N GLN C 93 20.15 13.54 -12.94
CA GLN C 93 20.86 12.49 -12.20
C GLN C 93 20.96 12.81 -10.71
N LEU C 94 21.52 13.98 -10.38
CA LEU C 94 21.69 14.46 -9.02
C LEU C 94 20.38 14.40 -8.25
N LEU C 95 19.33 15.04 -8.76
CA LEU C 95 18.02 15.02 -8.16
C LEU C 95 17.62 13.58 -7.82
N ASP C 96 17.57 12.71 -8.84
CA ASP C 96 17.22 11.31 -8.71
C ASP C 96 17.93 10.74 -7.49
N HIS C 97 19.24 10.96 -7.42
CA HIS C 97 20.09 10.51 -6.34
C HIS C 97 19.71 11.06 -4.96
N ASP C 98 18.83 12.05 -4.93
CA ASP C 98 18.47 12.60 -3.64
C ASP C 98 17.25 11.86 -3.17
N LEU C 99 16.51 11.48 -4.20
CA LEU C 99 15.26 10.78 -4.01
C LEU C 99 15.40 9.28 -3.86
N ASP C 100 15.91 8.55 -4.82
CA ASP C 100 15.92 7.13 -4.58
C ASP C 100 17.20 6.38 -4.88
N PHE C 101 17.21 5.21 -4.27
CA PHE C 101 18.27 4.23 -4.37
C PHE C 101 17.76 2.89 -3.91
N THR C 102 18.07 1.80 -4.58
CA THR C 102 17.55 0.50 -4.21
C THR C 102 18.66 -0.55 -4.16
N PRO C 103 19.06 -0.92 -2.95
CA PRO C 103 20.16 -1.81 -2.75
C PRO C 103 20.12 -3.18 -3.39
N GLU C 104 21.51 -3.57 -3.89
CA GLU C 104 21.55 -4.98 -4.32
C GLU C 104 22.26 -5.82 -3.25
N PRO C 105 22.17 -7.19 -3.51
CA PRO C 105 23.06 -7.81 -2.55
C PRO C 105 24.37 -8.18 -3.21
N ALA C 106 25.46 -7.13 -3.24
CA ALA C 106 26.82 -7.60 -3.47
C ALA C 106 26.93 -9.07 -3.04
N ASN D 2 28.24 -15.35 -8.04
CA ASN D 2 28.72 -14.04 -8.41
C ASN D 2 27.94 -13.57 -9.62
N CYS D 3 27.01 -12.65 -9.45
CA CYS D 3 26.30 -12.32 -10.66
C CYS D 3 26.91 -11.28 -11.58
N GLU D 4 28.20 -11.08 -11.39
CA GLU D 4 28.95 -10.16 -12.21
C GLU D 4 29.84 -11.00 -13.09
N THR D 5 29.77 -12.30 -12.80
CA THR D 5 30.60 -13.29 -13.46
C THR D 5 29.97 -14.60 -13.90
N SER D 6 28.86 -14.99 -13.29
CA SER D 6 28.25 -16.22 -13.69
C SER D 6 27.05 -15.88 -14.56
N CYS D 7 26.40 -16.91 -15.10
CA CYS D 7 25.31 -16.63 -16.00
C CYS D 7 24.20 -17.63 -15.74
N VAL D 8 24.34 -18.15 -14.53
CA VAL D 8 23.39 -19.12 -14.06
C VAL D 8 22.23 -18.35 -13.47
N GLN D 9 21.04 -18.77 -13.85
CA GLN D 9 19.88 -18.09 -13.33
C GLN D 9 19.53 -18.60 -11.94
N GLN D 10 20.30 -18.13 -10.99
CA GLN D 10 19.98 -18.59 -9.67
C GLN D 10 20.20 -17.49 -8.64
N PRO D 11 19.42 -17.62 -7.56
CA PRO D 11 19.46 -16.73 -6.42
C PRO D 11 19.73 -15.27 -6.85
N PRO D 12 20.35 -14.48 -5.97
CA PRO D 12 20.64 -13.07 -6.16
C PRO D 12 20.53 -12.57 -7.59
N CYS D 13 20.97 -13.41 -8.52
CA CYS D 13 20.88 -13.13 -9.93
C CYS D 13 19.54 -13.40 -10.59
N PHE D 14 19.44 -12.69 -11.70
CA PHE D 14 18.35 -12.60 -12.66
C PHE D 14 18.98 -11.98 -13.90
N PRO D 15 19.68 -12.80 -14.62
CA PRO D 15 20.44 -12.36 -15.76
C PRO D 15 19.76 -12.07 -17.09
N LEU D 16 20.31 -11.05 -17.71
CA LEU D 16 19.87 -10.61 -19.00
C LEU D 16 20.35 -11.58 -20.06
N LYS D 17 19.53 -12.55 -20.43
CA LYS D 17 20.03 -13.40 -21.48
C LYS D 17 20.03 -12.69 -22.83
N ILE D 18 20.63 -13.29 -23.86
CA ILE D 18 20.71 -12.60 -25.14
C ILE D 18 20.17 -13.29 -26.39
N PRO D 19 19.55 -12.53 -27.30
CA PRO D 19 18.94 -12.83 -28.59
C PRO D 19 20.05 -13.30 -29.50
N PRO D 20 19.79 -14.15 -30.47
CA PRO D 20 20.85 -14.72 -31.27
C PRO D 20 21.35 -13.84 -32.42
N ASN D 21 20.98 -12.77 -32.12
CA ASN D 21 21.35 -11.93 -33.27
C ASN D 21 21.73 -10.53 -32.80
N ASP D 22 22.44 -10.50 -31.63
CA ASP D 22 22.93 -9.34 -30.94
C ASP D 22 24.12 -8.74 -31.66
N PRO D 23 24.12 -7.42 -31.85
CA PRO D 23 25.24 -6.83 -32.53
C PRO D 23 26.51 -7.12 -31.75
N ARG D 24 26.42 -6.77 -30.49
CA ARG D 24 27.54 -6.92 -29.61
C ARG D 24 27.83 -8.34 -29.20
N ILE D 25 26.93 -8.89 -28.40
CA ILE D 25 27.12 -10.19 -27.80
C ILE D 25 26.78 -11.39 -28.67
N LYS D 26 27.81 -11.95 -29.28
CA LYS D 26 27.79 -13.06 -30.21
C LYS D 26 27.85 -14.49 -29.66
N ASN D 27 27.37 -14.68 -28.44
CA ASN D 27 27.35 -16.00 -27.81
C ASN D 27 26.12 -16.17 -26.95
N GLN D 28 25.22 -17.08 -27.27
CA GLN D 28 23.99 -17.22 -26.50
C GLN D 28 24.06 -17.59 -25.04
N ALA D 29 25.27 -18.07 -24.74
CA ALA D 29 25.60 -18.44 -23.39
C ALA D 29 26.14 -17.31 -22.52
N ASP D 30 26.24 -16.14 -23.13
CA ASP D 30 26.70 -14.97 -22.44
C ASP D 30 25.48 -14.23 -21.89
N CYS D 31 25.80 -13.16 -21.17
CA CYS D 31 24.76 -12.34 -20.57
C CYS D 31 25.30 -10.98 -20.27
N ILE D 32 24.37 -10.33 -19.59
CA ILE D 32 24.67 -9.04 -19.05
C ILE D 32 24.44 -9.19 -17.53
N PRO D 33 25.43 -8.97 -16.68
CA PRO D 33 25.51 -9.02 -15.22
C PRO D 33 24.48 -8.13 -14.52
N PHE D 34 23.53 -8.87 -13.96
CA PHE D 34 22.41 -8.26 -13.25
C PHE D 34 22.00 -8.90 -11.93
N PHE D 35 22.07 -8.21 -10.80
CA PHE D 35 21.66 -8.74 -9.51
C PHE D 35 20.21 -8.39 -9.13
N ARG D 36 19.67 -8.92 -8.07
CA ARG D 36 18.32 -8.49 -7.83
C ARG D 36 18.19 -7.64 -6.58
N SER D 37 17.34 -6.63 -6.75
CA SER D 37 17.00 -5.65 -5.74
C SER D 37 16.52 -6.34 -4.48
N CYS D 38 17.22 -6.08 -3.38
CA CYS D 38 16.99 -6.58 -2.03
C CYS D 38 15.57 -6.29 -1.59
N PRO D 39 14.91 -7.32 -1.06
CA PRO D 39 13.53 -7.30 -0.62
C PRO D 39 13.35 -6.62 0.73
N ALA D 40 12.13 -6.21 0.98
CA ALA D 40 11.87 -5.55 2.24
C ALA D 40 11.69 -6.55 3.36
N CYS D 41 11.47 -7.83 3.04
CA CYS D 41 11.27 -8.90 4.00
C CYS D 41 11.96 -10.20 3.56
N PRO D 42 13.15 -10.50 4.07
CA PRO D 42 13.82 -11.72 3.69
C PRO D 42 13.04 -12.92 4.19
N GLY D 43 12.55 -13.70 3.23
CA GLY D 43 11.82 -14.91 3.57
C GLY D 43 10.35 -14.88 3.19
N SER D 44 10.20 -15.01 1.87
CA SER D 44 8.92 -15.05 1.19
C SER D 44 8.06 -16.05 1.93
N ASN D 45 6.84 -15.60 2.24
CA ASN D 45 5.97 -16.45 3.00
C ASN D 45 4.54 -16.09 2.66
N ILE D 46 4.21 -14.86 3.07
CA ILE D 46 2.85 -14.37 2.91
C ILE D 46 2.81 -12.89 2.55
N THR D 47 3.99 -12.31 2.47
CA THR D 47 4.10 -10.92 2.10
C THR D 47 4.60 -10.76 0.66
N ILE D 48 3.91 -9.99 -0.18
CA ILE D 48 4.35 -9.79 -1.56
C ILE D 48 5.68 -9.07 -1.50
N ARG D 49 6.66 -9.44 -2.31
CA ARG D 49 7.91 -8.73 -2.18
C ARG D 49 7.90 -7.32 -2.74
N ASN D 50 8.63 -6.46 -2.02
CA ASN D 50 8.82 -5.06 -2.29
C ASN D 50 10.30 -4.78 -2.06
N GLN D 51 10.76 -3.78 -2.77
CA GLN D 51 12.15 -3.40 -2.67
C GLN D 51 12.28 -2.28 -1.64
N ILE D 52 13.51 -1.85 -1.33
CA ILE D 52 13.76 -0.84 -0.32
C ILE D 52 14.36 0.45 -0.81
N ASN D 53 14.07 1.57 -0.15
CA ASN D 53 14.69 2.81 -0.55
C ASN D 53 15.81 3.13 0.42
N ALA D 54 17.03 3.01 -0.05
CA ALA D 54 18.14 3.31 0.82
C ALA D 54 18.25 4.79 1.16
N LEU D 55 17.93 5.71 0.24
CA LEU D 55 18.00 7.14 0.47
C LEU D 55 16.71 7.77 1.01
N THR D 56 16.65 9.07 1.27
CA THR D 56 15.42 9.73 1.75
C THR D 56 14.52 10.36 0.70
N SER D 57 13.23 10.22 0.89
CA SER D 57 12.35 10.81 -0.08
C SER D 57 12.52 12.31 -0.23
N PHE D 58 12.34 12.97 0.90
CA PHE D 58 12.40 14.41 0.93
C PHE D 58 13.53 14.98 0.10
N VAL D 59 13.24 16.17 -0.41
CA VAL D 59 14.28 16.80 -1.17
C VAL D 59 15.08 17.50 -0.10
N ASP D 60 16.07 16.75 0.33
CA ASP D 60 16.98 17.21 1.36
C ASP D 60 18.24 17.21 0.53
N ALA D 61 19.37 17.74 0.98
CA ALA D 61 20.44 17.63 0.03
C ALA D 61 21.13 16.36 0.45
N SER D 62 20.45 15.22 0.42
CA SER D 62 21.10 14.00 0.83
C SER D 62 22.41 13.78 0.09
N MET D 63 22.35 13.71 -1.24
CA MET D 63 23.57 13.52 -2.00
C MET D 63 24.78 14.28 -1.45
N VAL D 64 24.51 15.35 -0.71
CA VAL D 64 25.59 16.11 -0.11
C VAL D 64 25.93 15.56 1.26
N TYR D 65 25.01 15.77 2.18
CA TYR D 65 25.08 15.33 3.56
C TYR D 65 24.75 13.86 3.48
N GLY D 66 24.39 13.12 4.51
CA GLY D 66 24.14 11.73 4.12
C GLY D 66 22.70 11.25 4.34
N SER D 67 22.51 9.93 4.28
CA SER D 67 21.20 9.35 4.55
C SER D 67 21.13 8.54 5.82
N GLU D 68 22.86 8.03 6.09
CA GLU D 68 22.46 7.64 7.46
C GLU D 68 23.47 8.17 8.47
N GLU D 69 22.97 8.24 9.68
CA GLU D 69 23.72 8.64 10.87
C GLU D 69 25.23 8.38 10.70
N PRO D 70 25.69 7.11 10.57
CA PRO D 70 27.11 6.81 10.50
C PRO D 70 27.76 7.66 9.44
N LEU D 71 27.41 7.63 8.22
CA LEU D 71 28.05 8.31 7.11
C LEU D 71 27.97 9.83 7.21
N ALA D 72 26.87 10.26 7.80
CA ALA D 72 26.76 11.70 7.87
C ALA D 72 27.91 12.20 8.71
N ARG D 73 28.08 11.24 10.04
CA ARG D 73 29.08 12.00 10.80
C ARG D 73 30.47 11.75 10.23
N ASN D 74 30.52 10.78 9.38
CA ASN D 74 31.71 10.41 8.65
C ASN D 74 32.16 11.44 7.62
N LEU D 75 31.28 12.36 7.24
CA LEU D 75 31.61 13.30 6.19
C LEU D 75 31.97 14.70 6.65
N ARG D 76 32.37 14.89 7.90
CA ARG D 76 32.66 16.23 8.40
C ARG D 76 33.96 16.52 9.12
N ASN D 77 34.37 17.80 9.12
CA ASN D 77 35.57 18.20 9.83
C ASN D 77 35.13 18.35 11.27
N MET D 78 35.66 17.60 12.23
CA MET D 78 35.26 17.74 13.61
C MET D 78 36.55 17.92 14.39
N SER D 79 37.53 18.47 13.70
CA SER D 79 38.80 18.72 14.32
C SER D 79 38.77 20.22 14.28
N ASN D 80 37.56 20.72 14.56
CA ASN D 80 37.17 22.11 14.50
C ASN D 80 35.74 22.39 14.91
N GLN D 81 35.47 23.67 15.08
CA GLN D 81 34.11 24.05 15.40
C GLN D 81 33.53 24.84 14.24
N LEU D 82 34.34 24.96 13.17
CA LEU D 82 34.04 25.68 11.95
C LEU D 82 32.82 25.23 11.16
N GLY D 83 32.29 24.07 11.53
CA GLY D 83 31.10 23.44 10.95
C GLY D 83 31.24 23.21 9.45
N LEU D 84 32.17 22.35 9.05
CA LEU D 84 32.46 22.13 7.64
C LEU D 84 32.37 20.74 7.03
N LEU D 85 32.31 20.72 5.72
CA LEU D 85 32.27 19.37 5.20
C LEU D 85 33.67 18.86 5.00
N ALA D 86 33.85 17.55 5.14
CA ALA D 86 35.18 16.98 4.91
C ALA D 86 35.46 16.94 3.43
N VAL D 87 36.70 17.33 3.18
CA VAL D 87 37.32 17.45 1.87
C VAL D 87 38.71 16.87 1.60
N ASN D 88 39.20 16.56 0.58
CA ASN D 88 40.44 15.85 0.25
C ASN D 88 41.64 16.56 0.90
N GLN D 89 42.43 15.81 1.67
CA GLN D 89 43.67 16.38 2.26
C GLN D 89 44.88 16.14 1.33
N ARG D 90 44.72 15.23 0.38
CA ARG D 90 45.80 14.90 -0.58
C ARG D 90 45.60 15.65 -1.90
N PHE D 91 44.72 16.33 -2.62
CA PHE D 91 44.72 16.96 -3.92
C PHE D 91 43.86 18.22 -3.97
N GLN D 92 44.51 19.50 -4.97
CA GLN D 92 43.44 20.51 -4.86
C GLN D 92 42.95 20.89 -6.25
N ASP D 93 41.73 21.54 -6.15
CA ASP D 93 41.14 21.88 -7.43
C ASP D 93 42.05 22.73 -8.28
N ASN D 94 42.57 23.75 -7.62
CA ASN D 94 43.49 24.75 -8.11
C ASN D 94 43.84 25.45 -6.82
N GLY D 95 42.84 25.57 -5.96
CA GLY D 95 42.94 26.12 -4.64
C GLY D 95 41.66 25.68 -3.94
N ARG D 96 40.66 25.42 -4.77
CA ARG D 96 39.35 25.03 -4.27
C ARG D 96 39.27 23.58 -3.83
N ALA D 97 38.31 23.24 -2.98
CA ALA D 97 38.23 21.87 -2.53
C ALA D 97 37.82 20.87 -3.58
N LEU D 98 38.08 19.64 -3.19
CA LEU D 98 37.83 18.40 -3.90
C LEU D 98 37.27 17.39 -2.90
N LEU D 99 36.39 16.45 -3.27
CA LEU D 99 35.85 15.51 -2.31
C LEU D 99 36.86 14.52 -1.73
N PRO D 100 36.57 14.00 -0.54
CA PRO D 100 37.40 13.02 0.11
C PRO D 100 37.36 11.71 -0.67
N PHE D 101 38.04 10.68 -0.19
CA PHE D 101 38.07 9.42 -0.93
C PHE D 101 37.47 8.22 -0.23
N ASP D 102 36.45 7.59 -0.82
CA ASP D 102 35.90 6.42 -0.20
C ASP D 102 37.03 5.42 -0.14
N ASN D 103 36.95 4.62 0.89
CA ASN D 103 37.88 3.56 1.26
C ASN D 103 37.36 2.17 0.88
N LEU D 104 37.09 1.90 -0.39
CA LEU D 104 36.59 0.58 -0.72
C LEU D 104 37.53 -0.54 -1.12
N HIS D 105 37.17 -1.69 -0.57
CA HIS D 105 37.90 -2.91 -0.78
C HIS D 105 37.80 -3.35 -2.23
N ASP D 106 36.86 -2.73 -2.93
CA ASP D 106 36.72 -3.03 -4.33
C ASP D 106 36.48 -1.70 -5.02
N ASP D 107 37.56 -0.94 -5.18
CA ASP D 107 37.33 0.33 -5.83
C ASP D 107 37.27 0.15 -7.34
N PRO D 108 36.21 0.65 -7.96
CA PRO D 108 36.12 0.48 -9.38
C PRO D 108 36.72 1.66 -10.11
N CYS D 109 36.91 2.79 -9.45
CA CYS D 109 37.44 3.94 -10.15
C CYS D 109 38.94 3.86 -10.20
N LEU D 110 39.39 2.72 -9.74
CA LEU D 110 40.81 2.46 -9.69
C LEU D 110 41.08 1.71 -10.98
N LEU D 111 39.99 1.32 -11.63
CA LEU D 111 40.08 0.48 -12.80
C LEU D 111 40.21 1.25 -14.09
N THR D 112 39.75 2.48 -14.08
CA THR D 112 39.92 3.25 -15.28
C THR D 112 41.39 3.31 -15.65
N ASN D 113 42.18 4.01 -14.84
CA ASN D 113 43.62 4.14 -15.01
C ASN D 113 44.32 3.23 -14.01
N ARG D 114 44.97 2.16 -14.46
CA ARG D 114 45.65 1.39 -13.45
C ARG D 114 46.97 2.05 -13.05
N SER D 115 47.31 3.17 -13.74
CA SER D 115 48.55 3.86 -13.46
C SER D 115 48.37 5.29 -12.99
N ALA D 116 47.71 5.48 -11.88
CA ALA D 116 47.22 6.62 -11.09
C ALA D 116 46.39 6.10 -9.89
N ARG D 117 46.78 6.51 -8.66
CA ARG D 117 46.03 6.12 -7.43
C ARG D 117 44.84 7.03 -7.24
N ILE D 118 43.78 6.78 -7.96
CA ILE D 118 42.52 7.44 -7.66
C ILE D 118 41.42 6.42 -7.47
N PRO D 119 41.30 6.43 -6.10
CA PRO D 119 40.11 5.75 -5.66
C PRO D 119 38.96 6.72 -5.93
N CYS D 120 37.77 6.38 -5.47
CA CYS D 120 36.65 7.25 -5.72
C CYS D 120 36.27 8.15 -4.58
N PHE D 121 35.71 9.31 -4.92
CA PHE D 121 35.26 10.29 -3.97
C PHE D 121 34.34 9.72 -2.90
N LEU D 122 34.25 10.42 -1.76
CA LEU D 122 33.37 10.00 -0.69
C LEU D 122 32.31 11.08 -0.56
N ALA D 123 31.05 10.70 -0.79
CA ALA D 123 29.93 11.61 -0.76
C ALA D 123 28.67 11.15 -0.06
N GLY D 124 27.63 11.96 -0.18
CA GLY D 124 26.40 11.60 0.48
C GLY D 124 25.84 10.36 -0.19
N ASP D 125 26.02 10.33 -1.51
CA ASP D 125 25.56 9.23 -2.33
C ASP D 125 26.66 8.27 -2.76
N THR D 126 26.26 7.00 -2.86
CA THR D 126 27.10 5.89 -3.25
C THR D 126 27.41 5.96 -4.74
N ARG D 127 26.98 6.99 -5.46
CA ARG D 127 27.36 6.86 -6.84
C ARG D 127 27.87 8.13 -7.51
N SER D 128 28.53 8.90 -6.65
CA SER D 128 29.07 10.16 -7.08
C SER D 128 30.07 10.03 -8.17
N SER D 129 30.59 8.83 -8.33
CA SER D 129 31.61 8.71 -9.35
C SER D 129 31.17 8.12 -10.68
N GLU D 130 29.94 7.63 -10.81
CA GLU D 130 29.48 7.04 -12.06
C GLU D 130 29.94 7.78 -13.29
N MET D 131 29.86 9.10 -13.19
CA MET D 131 30.24 10.01 -14.25
C MET D 131 30.96 11.17 -13.61
N PRO D 132 32.03 11.59 -14.22
CA PRO D 132 32.85 12.69 -13.76
C PRO D 132 32.10 14.00 -13.62
N GLU D 133 30.92 14.15 -14.19
CA GLU D 133 30.21 15.40 -14.04
C GLU D 133 29.24 15.38 -12.88
N LEU D 134 28.73 14.21 -12.53
CA LEU D 134 27.85 14.03 -11.40
C LEU D 134 28.69 14.51 -10.24
N THR D 135 29.92 14.03 -10.32
CA THR D 135 30.89 14.38 -9.32
C THR D 135 31.18 15.86 -9.30
N SER D 136 31.12 16.46 -10.48
CA SER D 136 31.37 17.88 -10.47
C SER D 136 30.34 18.64 -9.66
N MET D 137 29.14 18.11 -9.60
CA MET D 137 28.09 18.72 -8.83
C MET D 137 28.21 18.45 -7.34
N HIS D 138 28.52 17.21 -6.96
CA HIS D 138 28.68 16.95 -5.55
C HIS D 138 29.83 17.76 -4.99
N THR D 139 30.69 18.21 -5.89
CA THR D 139 31.87 18.96 -5.54
C THR D 139 31.56 20.44 -5.46
N LEU D 140 30.48 20.84 -6.09
CA LEU D 140 30.01 22.21 -6.12
C LEU D 140 29.14 22.51 -4.90
N LEU D 141 28.17 21.64 -4.60
CA LEU D 141 27.30 21.83 -3.45
C LEU D 141 28.10 21.61 -2.18
N LEU D 142 29.18 20.86 -2.32
CA LEU D 142 30.05 20.62 -1.18
C LEU D 142 30.69 21.93 -0.80
N ARG D 143 31.08 22.62 -1.86
CA ARG D 143 31.72 23.90 -1.66
C ARG D 143 30.82 24.92 -0.98
N GLU D 144 29.50 24.82 -1.20
CA GLU D 144 28.59 25.77 -0.61
C GLU D 144 28.35 25.59 0.86
N HIS D 145 28.68 24.44 1.45
CA HIS D 145 28.44 24.28 2.87
C HIS D 145 29.84 24.24 3.39
N ASN D 146 30.49 25.37 3.19
CA ASN D 146 31.87 25.46 3.58
C ASN D 146 31.95 26.95 3.37
N ARG D 147 31.45 27.31 2.19
CA ARG D 147 31.36 28.71 1.83
C ARG D 147 30.38 29.39 2.77
N LEU D 148 29.18 28.82 2.80
CA LEU D 148 28.20 29.38 3.69
C LEU D 148 28.58 29.26 5.15
N ALA D 149 29.03 28.09 5.64
CA ALA D 149 29.35 28.06 7.06
C ALA D 149 30.44 29.06 7.42
N THR D 150 31.33 29.26 6.46
CA THR D 150 32.42 30.18 6.72
C THR D 150 31.97 31.63 6.82
N GLU D 151 30.82 31.87 6.19
CA GLU D 151 30.20 33.17 6.07
C GLU D 151 29.15 33.47 7.13
N LEU D 152 28.63 32.36 7.63
CA LEU D 152 27.62 32.37 8.67
C LEU D 152 28.39 32.54 9.99
N LYS D 153 29.68 32.16 9.96
CA LYS D 153 30.52 32.33 11.12
C LYS D 153 30.95 33.78 11.14
N SER D 154 30.89 34.42 9.97
CA SER D 154 31.25 35.82 10.02
C SER D 154 30.13 36.66 10.62
N LEU D 155 28.89 36.26 10.39
CA LEU D 155 27.86 37.08 10.96
C LEU D 155 27.51 36.60 12.33
N ASN D 156 27.12 35.34 12.50
CA ASN D 156 26.83 34.86 13.84
C ASN D 156 28.12 34.18 14.31
N PRO D 157 29.00 34.91 15.00
CA PRO D 157 30.24 34.32 15.45
C PRO D 157 30.05 33.31 16.56
N ARG D 158 29.45 33.75 17.67
CA ARG D 158 29.28 32.81 18.76
C ARG D 158 28.53 31.52 18.49
N TRP D 159 28.12 31.11 17.30
CA TRP D 159 27.39 29.89 16.93
C TRP D 159 28.30 28.65 17.09
N ASP D 160 27.71 27.58 17.66
CA ASP D 160 28.42 26.28 17.89
C ASP D 160 28.97 25.75 16.57
N GLY D 161 29.63 24.63 16.67
CA GLY D 161 30.02 23.83 15.50
C GLY D 161 28.77 23.22 14.85
N GLU D 162 27.86 22.41 15.44
CA GLU D 162 26.75 21.78 14.74
C GLU D 162 25.79 22.79 14.12
N ARG D 163 25.53 23.84 14.90
CA ARG D 163 24.61 24.89 14.52
C ARG D 163 25.02 25.50 13.20
N LEU D 164 26.17 25.80 13.12
CA LEU D 164 26.99 26.31 12.01
C LEU D 164 26.91 25.35 10.82
N TYR D 165 26.65 24.08 11.06
CA TYR D 165 26.63 23.10 10.00
C TYR D 165 25.21 22.76 9.63
N GLN D 166 24.42 22.56 10.66
CA GLN D 166 23.04 22.25 10.38
C GLN D 166 22.47 23.39 9.54
N GLU D 167 22.45 24.59 10.11
CA GLU D 167 21.97 25.82 9.50
C GLU D 167 22.49 26.01 8.08
N ALA D 168 23.69 25.53 7.87
CA ALA D 168 24.23 25.63 6.53
C ALA D 168 23.45 24.65 5.68
N ARG D 169 23.19 23.48 6.27
CA ARG D 169 22.46 22.44 5.58
C ARG D 169 21.17 22.99 5.02
N LYS D 170 20.44 23.75 5.82
CA LYS D 170 19.18 24.27 5.34
C LYS D 170 19.45 25.20 4.17
N ILE D 171 20.51 25.98 4.25
CA ILE D 171 20.63 26.84 3.10
C ILE D 171 20.78 26.08 1.80
N VAL D 172 21.46 24.95 1.87
CA VAL D 172 21.59 24.16 0.65
C VAL D 172 20.40 23.34 0.25
N GLY D 173 19.71 22.71 1.20
CA GLY D 173 18.55 21.92 0.87
C GLY D 173 17.61 22.80 0.09
N ALA D 174 17.66 24.09 0.39
CA ALA D 174 16.81 25.01 -0.34
C ALA D 174 17.38 25.21 -1.73
N MET D 175 18.68 25.43 -1.82
CA MET D 175 19.23 25.61 -3.16
C MET D 175 18.81 24.47 -4.08
N VAL D 176 18.84 23.25 -3.56
CA VAL D 176 18.43 22.20 -4.45
C VAL D 176 16.93 22.15 -4.71
N GLN D 177 16.12 22.24 -3.66
CA GLN D 177 14.68 22.17 -3.80
C GLN D 177 14.05 23.14 -4.77
N ILE D 178 14.45 24.36 -4.48
CA ILE D 178 14.01 25.57 -5.14
C ILE D 178 14.39 25.68 -6.61
N ILE D 179 15.36 24.90 -7.07
CA ILE D 179 15.77 24.93 -8.47
C ILE D 179 14.98 23.87 -9.21
N THR D 180 14.93 22.73 -8.54
CA THR D 180 14.25 21.56 -9.02
C THR D 180 12.84 21.98 -9.37
N TYR D 181 12.28 22.66 -8.38
CA TYR D 181 10.92 23.11 -8.49
C TYR D 181 10.69 24.36 -9.30
N ARG D 182 11.62 25.30 -9.31
CA ARG D 182 11.45 26.50 -10.11
C ARG D 182 12.12 26.40 -11.47
N ASP D 183 13.31 25.82 -11.54
CA ASP D 183 13.97 25.75 -12.82
C ASP D 183 14.11 24.39 -13.48
N TYR D 184 13.65 23.29 -12.88
CA TYR D 184 13.80 21.98 -13.50
C TYR D 184 12.48 21.37 -13.95
N LEU D 185 11.46 21.21 -13.09
CA LEU D 185 10.14 20.67 -13.37
C LEU D 185 9.47 21.39 -14.54
N PRO D 186 9.13 22.66 -14.44
CA PRO D 186 8.58 23.38 -15.57
C PRO D 186 9.05 22.91 -16.94
N LEU D 187 10.35 22.66 -17.02
CA LEU D 187 11.06 22.18 -18.18
C LEU D 187 11.06 20.69 -18.38
N VAL D 188 10.99 19.84 -17.36
CA VAL D 188 11.02 18.46 -17.77
C VAL D 188 9.56 18.35 -18.09
N LEU D 189 8.87 18.85 -17.08
CA LEU D 189 7.44 18.88 -16.91
C LEU D 189 6.46 19.29 -18.01
N GLY D 190 6.48 20.55 -18.41
CA GLY D 190 5.56 21.03 -19.41
C GLY D 190 4.64 22.12 -18.89
N PRO D 191 4.53 23.23 -19.61
CA PRO D 191 3.69 24.34 -19.24
C PRO D 191 2.32 23.80 -18.87
N THR D 192 1.73 22.88 -19.60
CA THR D 192 0.42 22.32 -19.30
C THR D 192 0.38 21.31 -18.17
N ALA D 193 1.25 20.30 -18.15
CA ALA D 193 1.22 19.30 -17.08
C ALA D 193 1.48 19.93 -15.73
N MET D 194 2.34 20.94 -15.74
CA MET D 194 2.73 21.71 -14.59
C MET D 194 1.56 22.28 -13.82
N ARG D 195 0.61 22.88 -14.52
CA ARG D 195 -0.55 23.43 -13.84
C ARG D 195 -1.48 22.33 -13.33
N LYS D 196 -1.03 21.10 -13.43
CA LYS D 196 -1.90 20.05 -12.96
C LYS D 196 -1.21 19.23 -11.89
N TYR D 197 -0.01 18.80 -12.19
CA TYR D 197 0.66 18.00 -11.20
C TYR D 197 1.16 18.87 -10.07
N LEU D 198 1.56 20.10 -10.43
CA LEU D 198 2.09 21.10 -9.53
C LEU D 198 1.45 22.48 -9.57
N PRO D 199 0.27 22.59 -8.95
CA PRO D 199 -0.42 23.85 -8.78
C PRO D 199 0.46 24.61 -7.80
N THR D 200 0.20 25.85 -7.38
CA THR D 200 1.09 26.54 -6.45
C THR D 200 0.94 26.13 -4.97
N TYR D 201 2.00 26.25 -4.18
CA TYR D 201 1.99 25.90 -2.76
C TYR D 201 0.86 26.58 -2.02
N ARG D 202 0.40 25.97 -0.93
CA ARG D 202 -0.66 26.53 -0.11
C ARG D 202 -0.46 26.32 1.38
N SER D 203 -0.08 25.10 1.74
CA SER D 203 0.16 24.78 3.13
C SER D 203 0.88 23.45 3.17
N TYR D 204 0.85 22.78 4.31
CA TYR D 204 1.51 21.49 4.36
C TYR D 204 0.53 20.38 4.71
N ASN D 205 0.39 19.35 3.88
CA ASN D 205 -0.55 18.28 4.19
C ASN D 205 -0.02 17.23 5.13
N ASP D 206 -0.53 17.16 6.35
CA ASP D 206 -0.09 16.16 7.29
C ASP D 206 -0.26 14.80 6.66
N SER D 207 -1.35 14.69 5.87
CA SER D 207 -1.78 13.48 5.18
C SER D 207 -1.28 13.24 3.77
N VAL D 208 -0.08 13.66 3.44
CA VAL D 208 0.41 13.46 2.10
C VAL D 208 1.60 12.51 2.14
N ASP D 209 1.41 11.33 1.56
CA ASP D 209 2.47 10.34 1.59
C ASP D 209 3.70 10.95 0.95
N PRO D 210 4.66 11.35 1.73
CA PRO D 210 5.82 11.95 1.13
C PRO D 210 6.69 10.87 0.54
N ARG D 211 6.28 9.63 0.73
CA ARG D 211 7.11 8.55 0.26
C ARG D 211 7.31 8.38 -1.23
N ILE D 212 8.52 8.03 -1.64
CA ILE D 212 8.72 7.88 -3.05
C ILE D 212 8.22 6.51 -3.48
N ALA D 213 7.34 6.45 -4.47
CA ALA D 213 6.73 5.28 -5.04
C ALA D 213 7.68 4.42 -5.84
N ASN D 214 7.58 3.09 -5.72
CA ASN D 214 8.41 2.17 -6.49
C ASN D 214 8.37 2.30 -8.02
N VAL D 215 7.44 3.04 -8.64
CA VAL D 215 7.43 3.20 -10.07
C VAL D 215 8.32 4.34 -10.57
N PHE D 216 8.19 5.50 -9.96
CA PHE D 216 8.94 6.69 -10.25
C PHE D 216 10.37 6.21 -10.32
N THR D 217 10.66 5.22 -9.51
CA THR D 217 12.00 4.66 -9.51
C THR D 217 12.38 4.28 -10.94
N ASN D 218 11.35 4.01 -11.72
CA ASN D 218 11.56 3.64 -13.10
C ASN D 218 11.18 4.75 -14.08
N ALA D 219 10.12 5.44 -13.73
CA ALA D 219 9.67 6.53 -14.56
C ALA D 219 10.64 7.69 -14.56
N PHE D 220 11.46 7.84 -13.53
CA PHE D 220 12.40 8.94 -13.49
C PHE D 220 13.64 8.68 -14.30
N ARG D 221 13.74 7.50 -14.90
CA ARG D 221 14.88 7.10 -15.71
C ARG D 221 14.67 7.55 -17.13
N TYR D 222 13.69 8.46 -17.29
CA TYR D 222 13.36 8.94 -18.62
C TYR D 222 14.57 9.69 -19.14
N GLY D 223 15.41 9.99 -18.17
CA GLY D 223 16.60 10.77 -18.39
C GLY D 223 17.70 10.13 -19.19
N HIS D 224 17.74 8.82 -19.13
CA HIS D 224 18.79 8.13 -19.86
C HIS D 224 18.80 8.54 -21.33
N THR D 225 17.64 8.97 -21.81
CA THR D 225 17.52 9.36 -23.20
C THR D 225 18.08 10.72 -23.46
N LEU D 226 18.74 11.31 -22.48
CA LEU D 226 19.24 12.64 -22.77
C LEU D 226 20.74 12.66 -22.89
N ILE D 227 21.39 11.55 -22.52
CA ILE D 227 22.82 11.50 -22.54
C ILE D 227 23.59 11.66 -23.84
N GLN D 228 24.76 12.24 -23.74
CA GLN D 228 25.47 12.39 -24.97
C GLN D 228 26.66 11.47 -24.83
N PRO D 229 27.05 10.87 -25.94
CA PRO D 229 28.13 9.93 -25.98
C PRO D 229 29.51 10.50 -25.66
N PHE D 230 29.57 11.73 -25.18
CA PHE D 230 30.90 12.24 -24.90
C PHE D 230 30.88 13.09 -23.67
N MET D 231 32.09 13.30 -23.19
CA MET D 231 32.25 14.14 -22.05
C MET D 231 32.97 15.34 -22.66
N PHE D 232 32.32 16.50 -22.57
CA PHE D 232 32.83 17.73 -23.15
C PHE D 232 33.47 18.69 -22.17
N ARG D 233 34.72 19.02 -22.44
CA ARG D 233 35.46 19.97 -21.64
C ARG D 233 35.76 21.12 -22.59
N LEU D 234 35.54 22.32 -22.07
CA LEU D 234 35.68 23.63 -22.68
C LEU D 234 36.46 24.57 -21.77
N ASP D 235 37.39 25.28 -22.37
CA ASP D 235 38.18 26.19 -21.59
C ASP D 235 37.46 27.45 -21.16
N ASN D 236 38.49 28.43 -20.44
CA ASN D 236 37.48 29.25 -20.14
C ASN D 236 37.19 30.38 -21.19
N ARG D 237 37.97 30.42 -22.43
CA ARG D 237 37.51 31.08 -23.64
C ARG D 237 36.31 30.34 -24.20
N TYR D 238 35.74 29.54 -23.31
CA TYR D 238 34.60 28.68 -23.57
C TYR D 238 34.81 27.94 -24.87
N GLN D 239 36.02 27.41 -25.05
CA GLN D 239 36.42 26.68 -26.24
C GLN D 239 36.99 25.30 -25.99
N PRO D 240 37.00 24.39 -26.95
CA PRO D 240 37.47 23.04 -26.72
C PRO D 240 38.77 22.82 -25.96
N MET D 241 38.59 22.53 -24.66
CA MET D 241 39.71 22.31 -23.78
C MET D 241 40.53 21.10 -24.19
N GLU D 242 41.53 21.47 -24.98
CA GLU D 242 42.43 20.55 -25.64
C GLU D 242 43.45 19.70 -24.90
N PRO D 243 43.42 19.54 -23.40
CA PRO D 243 44.05 18.32 -22.95
C PRO D 243 43.58 17.18 -23.80
N ASN D 244 42.27 16.97 -23.72
CA ASN D 244 41.50 16.48 -24.87
C ASN D 244 40.01 16.62 -24.62
N PRO D 245 39.37 17.40 -25.49
CA PRO D 245 38.08 18.03 -25.21
C PRO D 245 36.96 17.03 -25.29
N ARG D 246 36.73 16.01 -26.06
CA ARG D 246 35.54 15.21 -26.26
C ARG D 246 35.98 13.75 -26.13
N VAL D 247 35.56 13.16 -25.01
CA VAL D 247 35.92 11.78 -24.71
C VAL D 247 34.72 10.84 -24.66
N PRO D 248 34.85 9.68 -25.30
CA PRO D 248 33.73 8.78 -25.24
C PRO D 248 33.36 8.42 -23.82
N LEU D 249 32.06 8.53 -23.59
CA LEU D 249 31.45 8.24 -22.32
C LEU D 249 31.77 6.88 -21.74
N SER D 250 32.35 5.95 -22.51
CA SER D 250 32.75 4.59 -22.18
C SER D 250 34.10 4.52 -21.51
N ARG D 251 34.83 5.71 -21.98
CA ARG D 251 36.06 5.62 -21.20
C ARG D 251 36.15 6.78 -20.19
N VAL D 252 35.04 7.09 -19.46
CA VAL D 252 34.90 7.98 -18.30
C VAL D 252 34.18 7.41 -17.09
N PHE D 253 33.41 6.37 -17.32
CA PHE D 253 32.67 5.76 -16.24
C PHE D 253 33.63 5.49 -15.11
N PHE D 254 33.32 6.09 -13.96
CA PHE D 254 34.07 5.95 -12.71
C PHE D 254 35.44 6.62 -12.72
N ALA D 255 35.79 7.37 -13.76
CA ALA D 255 37.12 7.97 -13.77
C ALA D 255 37.35 9.28 -13.06
N SER D 256 37.60 9.22 -11.75
CA SER D 256 37.91 10.35 -10.91
C SER D 256 39.23 10.97 -11.35
N TRP D 257 40.18 10.14 -11.78
CA TRP D 257 41.47 10.58 -12.25
C TRP D 257 41.36 11.77 -13.18
N ARG D 258 40.47 11.61 -14.12
CA ARG D 258 40.19 12.66 -15.08
C ARG D 258 39.88 13.96 -14.34
N VAL D 259 39.03 13.87 -13.33
CA VAL D 259 38.66 15.03 -12.56
C VAL D 259 39.83 15.67 -11.85
N VAL D 260 40.65 14.88 -11.16
CA VAL D 260 41.80 15.26 -10.34
C VAL D 260 43.05 15.59 -11.12
N LEU D 261 43.40 14.74 -12.06
CA LEU D 261 44.59 14.99 -12.84
C LEU D 261 44.31 15.69 -14.17
N GLU D 262 43.09 15.54 -14.70
CA GLU D 262 42.74 16.00 -16.02
C GLU D 262 42.27 17.41 -16.15
N GLY D 263 42.70 18.27 -15.26
CA GLY D 263 42.20 19.60 -15.55
C GLY D 263 41.28 20.23 -14.54
N GLY D 264 40.79 19.56 -13.51
CA GLY D 264 39.91 20.23 -12.57
C GLY D 264 38.45 20.00 -12.91
N ILE D 265 37.58 20.61 -12.09
CA ILE D 265 36.13 20.59 -12.12
C ILE D 265 35.46 21.60 -13.07
N ASP D 266 36.11 22.69 -13.44
CA ASP D 266 35.50 23.64 -14.33
C ASP D 266 35.41 23.21 -15.80
N PRO D 267 36.53 22.86 -16.41
CA PRO D 267 36.42 22.42 -17.79
C PRO D 267 35.22 21.51 -18.06
N ILE D 268 34.74 20.82 -17.04
CA ILE D 268 33.57 19.97 -17.13
C ILE D 268 32.29 20.78 -17.07
N LEU D 269 32.14 21.53 -15.99
CA LEU D 269 31.01 22.38 -15.68
C LEU D 269 30.67 23.33 -16.82
N ARG D 270 31.71 23.61 -17.59
CA ARG D 270 31.73 24.50 -18.74
C ARG D 270 31.29 23.78 -19.99
N GLY D 271 31.01 22.50 -19.90
CA GLY D 271 30.62 21.76 -21.07
C GLY D 271 29.15 21.45 -20.87
N LEU D 272 28.80 21.19 -19.62
CA LEU D 272 27.43 20.93 -19.23
C LEU D 272 26.59 22.15 -19.56
N MET D 273 27.20 23.31 -19.49
CA MET D 273 26.59 24.61 -19.74
C MET D 273 26.55 25.02 -21.19
N ALA D 274 27.61 24.75 -21.93
CA ALA D 274 27.57 25.29 -23.28
C ALA D 274 27.50 24.35 -24.45
N THR D 275 27.07 23.13 -24.18
CA THR D 275 26.91 22.16 -25.24
C THR D 275 25.53 21.56 -25.03
N PRO D 276 24.77 21.49 -26.11
CA PRO D 276 23.41 21.00 -26.06
C PRO D 276 23.26 19.60 -25.50
N ALA D 277 22.05 19.37 -24.99
CA ALA D 277 21.67 18.08 -24.45
C ALA D 277 21.05 17.30 -25.60
N LYS D 278 21.31 16.01 -25.62
CA LYS D 278 20.79 15.27 -26.73
C LYS D 278 19.28 15.27 -26.65
N LEU D 279 18.55 15.38 -27.74
CA LEU D 279 17.11 15.36 -27.63
C LEU D 279 16.49 14.03 -28.02
N ASN D 280 15.54 13.63 -27.22
CA ASN D 280 14.91 12.39 -27.57
C ASN D 280 14.00 12.48 -28.79
N ARG D 281 14.10 11.51 -29.71
CA ARG D 281 13.21 11.33 -30.85
C ARG D 281 12.74 9.88 -30.83
N GLN D 282 11.63 9.51 -31.46
CA GLN D 282 11.15 8.13 -31.50
C GLN D 282 12.10 7.24 -32.32
N ASN D 283 12.99 7.87 -33.07
CA ASN D 283 13.97 7.19 -33.88
C ASN D 283 15.30 7.08 -33.16
N GLN D 284 15.45 7.92 -32.13
CA GLN D 284 16.70 7.94 -31.41
C GLN D 284 16.55 7.94 -29.89
N ILE D 285 16.17 6.78 -29.36
CA ILE D 285 15.98 6.63 -27.93
C ILE D 285 17.21 6.77 -27.05
N ALA D 286 18.08 5.76 -26.97
CA ALA D 286 19.30 5.85 -26.18
C ALA D 286 20.55 5.62 -27.03
N VAL D 287 21.59 6.40 -26.77
CA VAL D 287 22.79 6.28 -27.56
C VAL D 287 23.59 5.05 -27.18
N ASP D 288 24.25 4.44 -28.17
CA ASP D 288 25.04 3.26 -27.91
C ASP D 288 26.09 3.32 -26.81
N GLU D 289 26.70 4.47 -26.59
CA GLU D 289 27.69 4.47 -25.54
C GLU D 289 27.16 4.04 -24.19
N ILE D 290 25.89 3.67 -24.10
CA ILE D 290 25.33 3.21 -22.85
C ILE D 290 24.42 2.01 -23.02
N ARG D 291 24.20 1.70 -24.30
CA ARG D 291 23.40 0.58 -24.72
C ARG D 291 24.29 -0.63 -24.93
N GLU D 292 25.57 -0.39 -25.18
CA GLU D 292 26.52 -1.46 -25.35
C GLU D 292 27.86 -1.22 -24.67
N ARG D 293 28.01 -0.01 -24.15
CA ARG D 293 29.26 0.28 -23.49
C ARG D 293 29.04 0.73 -22.06
N LEU D 294 27.91 0.36 -21.46
CA LEU D 294 27.69 0.77 -20.08
C LEU D 294 28.69 0.02 -19.23
N PHE D 295 29.60 0.75 -18.58
CA PHE D 295 30.69 0.30 -17.72
C PHE D 295 31.60 -0.77 -18.26
N GLU D 296 32.56 -0.46 -19.12
CA GLU D 296 33.36 -1.62 -19.47
C GLU D 296 34.83 -1.48 -19.06
N GLN D 297 35.09 -0.28 -18.97
CA GLN D 297 36.49 -0.03 -18.60
C GLN D 297 36.75 -0.51 -17.17
N VAL D 298 35.60 -0.89 -16.62
CA VAL D 298 35.51 -1.51 -15.32
C VAL D 298 34.91 -2.92 -15.24
N MET D 299 33.88 -3.24 -16.01
CA MET D 299 33.32 -4.57 -15.89
C MET D 299 33.64 -5.53 -17.03
N ARG D 300 33.28 -6.78 -16.79
CA ARG D 300 33.41 -7.99 -17.59
C ARG D 300 33.04 -7.89 -19.07
N ILE D 301 31.78 -7.58 -19.30
CA ILE D 301 31.15 -7.38 -20.59
C ILE D 301 30.55 -5.99 -20.41
N GLY D 302 30.13 -5.28 -21.45
CA GLY D 302 29.53 -3.98 -21.20
C GLY D 302 28.01 -4.00 -21.31
N LEU D 303 27.32 -3.52 -20.28
CA LEU D 303 25.86 -3.45 -20.14
C LEU D 303 25.00 -2.56 -21.02
N ASP D 304 23.71 -2.86 -21.00
CA ASP D 304 22.67 -2.19 -21.76
C ASP D 304 21.64 -1.57 -20.85
N LEU D 305 21.85 -0.28 -20.57
CA LEU D 305 21.00 0.52 -19.72
C LEU D 305 19.56 0.21 -20.07
N PRO D 306 19.08 0.68 -21.21
CA PRO D 306 17.71 0.44 -21.60
C PRO D 306 17.20 -0.91 -21.11
N ALA D 307 18.00 -1.91 -21.42
CA ALA D 307 17.74 -3.29 -21.08
C ALA D 307 17.78 -3.52 -19.60
N LEU D 308 18.71 -2.84 -18.92
CA LEU D 308 18.83 -2.99 -17.49
C LEU D 308 17.62 -2.33 -16.87
N ASN D 309 17.07 -1.36 -17.56
CA ASN D 309 15.89 -0.67 -17.05
C ASN D 309 14.64 -1.52 -17.13
N MET D 310 14.51 -2.24 -18.24
CA MET D 310 13.40 -3.12 -18.49
C MET D 310 13.33 -4.32 -17.56
N GLN D 311 14.46 -4.81 -17.06
CA GLN D 311 14.43 -5.94 -16.17
C GLN D 311 14.21 -5.52 -14.71
N ARG D 312 14.54 -4.29 -14.30
CA ARG D 312 14.25 -4.01 -12.91
C ARG D 312 12.75 -3.84 -12.87
N SER D 313 12.31 -3.47 -14.06
CA SER D 313 10.91 -3.25 -14.31
C SER D 313 10.29 -4.47 -13.68
N ARG D 314 10.70 -5.60 -14.23
CA ARG D 314 10.32 -6.93 -13.81
C ARG D 314 10.68 -7.34 -12.38
N ASP D 315 11.88 -7.04 -11.90
CA ASP D 315 12.31 -7.38 -10.56
C ASP D 315 11.57 -6.58 -9.49
N HIS D 316 11.05 -5.41 -9.83
CA HIS D 316 10.30 -4.58 -8.92
C HIS D 316 8.90 -4.65 -9.47
N GLY D 317 8.26 -5.81 -9.47
CA GLY D 317 6.93 -6.11 -9.99
C GLY D 317 6.02 -5.00 -10.42
N LEU D 318 6.54 -4.03 -11.16
CA LEU D 318 5.71 -2.93 -11.58
C LEU D 318 4.83 -3.47 -12.68
N PRO D 319 3.57 -3.02 -12.75
CA PRO D 319 2.66 -3.45 -13.77
C PRO D 319 3.09 -2.67 -15.00
N GLY D 320 2.49 -2.95 -16.16
CA GLY D 320 2.80 -2.36 -17.46
C GLY D 320 2.19 -1.07 -18.01
N TYR D 321 2.50 -0.77 -19.27
CA TYR D 321 2.00 0.46 -19.83
C TYR D 321 0.53 0.54 -20.15
N ASN D 322 -0.31 0.46 -19.13
CA ASN D 322 -1.71 0.58 -19.45
C ASN D 322 -2.32 0.73 -18.07
N ALA D 323 -1.75 -0.05 -17.15
CA ALA D 323 -2.22 0.03 -15.79
C ALA D 323 -1.93 1.45 -15.40
N TRP D 324 -0.76 1.86 -15.88
CA TRP D 324 -0.24 3.19 -15.67
C TRP D 324 -1.13 4.22 -16.36
N ARG D 325 -1.34 3.94 -17.64
CA ARG D 325 -2.20 4.75 -18.46
C ARG D 325 -3.50 4.89 -17.69
N ARG D 326 -4.13 3.77 -17.30
CA ARG D 326 -5.37 3.72 -16.52
C ARG D 326 -5.27 4.51 -15.23
N PHE D 327 -4.17 4.18 -14.57
CA PHE D 327 -3.77 4.77 -13.32
C PHE D 327 -3.70 6.26 -13.49
N CYS D 328 -3.78 6.79 -14.71
CA CYS D 328 -3.76 8.22 -14.98
C CYS D 328 -4.77 8.73 -15.99
N GLY D 329 -6.06 8.44 -15.76
CA GLY D 329 -7.15 8.84 -16.64
C GLY D 329 -6.71 9.06 -18.07
N LEU D 330 -5.84 8.17 -18.54
CA LEU D 330 -5.30 8.27 -19.87
C LEU D 330 -5.86 7.07 -20.62
N PRO D 331 -6.24 7.26 -21.87
CA PRO D 331 -6.79 6.16 -22.64
C PRO D 331 -5.75 5.06 -22.82
N GLN D 332 -6.21 3.83 -22.94
CA GLN D 332 -5.30 2.69 -23.08
C GLN D 332 -5.36 1.93 -24.39
N PRO D 333 -4.42 2.18 -25.31
CA PRO D 333 -4.42 1.51 -26.59
C PRO D 333 -4.51 0.00 -26.49
N GLU D 334 -5.44 -0.61 -27.22
CA GLU D 334 -5.67 -2.05 -27.26
C GLU D 334 -5.16 -2.66 -28.55
N THR D 335 -4.98 -1.81 -29.54
CA THR D 335 -4.57 -2.22 -30.87
C THR D 335 -3.44 -1.41 -31.46
N VAL D 336 -2.91 -1.94 -32.55
CA VAL D 336 -1.84 -1.25 -33.25
C VAL D 336 -2.33 0.10 -33.74
N GLY D 337 -3.62 0.19 -34.00
CA GLY D 337 -4.11 1.47 -34.45
C GLY D 337 -4.34 2.32 -33.22
N GLN D 338 -4.98 1.71 -32.23
CA GLN D 338 -5.27 2.41 -31.02
C GLN D 338 -3.96 3.00 -30.55
N LEU D 339 -2.90 2.21 -30.72
CA LEU D 339 -1.54 2.57 -30.36
C LEU D 339 -0.98 3.60 -31.32
N GLY D 340 -0.75 3.23 -32.60
CA GLY D 340 -0.26 4.17 -33.62
C GLY D 340 -0.79 5.58 -33.41
N THR D 341 -2.06 5.67 -33.01
CA THR D 341 -2.79 6.89 -32.71
C THR D 341 -2.30 7.50 -31.43
N VAL D 342 -2.38 6.76 -30.35
CA VAL D 342 -1.93 7.28 -29.08
C VAL D 342 -0.49 7.79 -29.19
N LEU D 343 0.37 6.88 -29.60
CA LEU D 343 1.77 7.25 -29.66
C LEU D 343 2.04 8.36 -30.63
N ARG D 344 1.12 8.42 -31.55
CA ARG D 344 1.61 9.11 -32.75
C ARG D 344 2.97 8.54 -33.16
N ASN D 345 2.81 7.26 -33.63
CA ASN D 345 3.65 6.36 -34.41
C ASN D 345 3.09 5.13 -35.12
N LEU D 346 2.98 5.00 -36.45
CA LEU D 346 2.50 3.78 -37.10
C LEU D 346 3.53 2.67 -37.24
N LYS D 347 4.74 3.12 -36.91
CA LYS D 347 5.94 2.31 -36.92
C LYS D 347 6.32 1.80 -35.57
N LEU D 348 6.61 2.74 -34.68
CA LEU D 348 7.01 2.35 -33.35
C LEU D 348 5.95 1.44 -32.78
N ALA D 349 4.68 1.89 -32.75
CA ALA D 349 3.60 1.09 -32.21
C ALA D 349 3.64 -0.29 -32.83
N ARG D 350 3.81 -0.20 -34.14
CA ARG D 350 3.89 -1.41 -34.92
C ARG D 350 5.02 -2.30 -34.43
N LYS D 351 6.19 -1.72 -34.15
CA LYS D 351 7.38 -2.38 -33.65
C LYS D 351 7.22 -2.83 -32.21
N LEU D 352 6.67 -1.98 -31.37
CA LEU D 352 6.47 -2.35 -29.99
C LEU D 352 5.58 -3.59 -29.93
N MET D 353 4.66 -3.71 -30.86
CA MET D 353 3.77 -4.85 -30.77
C MET D 353 4.39 -6.17 -31.18
N GLU D 354 5.43 -6.03 -31.99
CA GLU D 354 6.12 -7.23 -32.42
C GLU D 354 6.81 -7.80 -31.21
N GLN D 355 7.35 -6.94 -30.35
CA GLN D 355 8.06 -7.34 -29.15
C GLN D 355 7.08 -7.80 -28.12
N TYR D 356 6.21 -6.88 -27.72
CA TYR D 356 5.20 -7.17 -26.73
C TYR D 356 3.97 -7.69 -27.46
N GLY D 357 3.14 -8.52 -26.84
CA GLY D 357 2.01 -8.95 -27.64
C GLY D 357 0.94 -7.88 -27.75
N THR D 358 0.60 -7.31 -26.61
CA THR D 358 -0.40 -6.28 -26.38
C THR D 358 0.16 -5.14 -25.53
N PRO D 359 -0.32 -3.91 -25.74
CA PRO D 359 0.24 -2.82 -24.98
C PRO D 359 0.12 -3.07 -23.49
N ASN D 360 -0.92 -3.80 -23.12
CA ASN D 360 -1.22 -4.17 -21.75
C ASN D 360 0.04 -4.61 -21.02
N ASN D 361 1.01 -5.05 -21.82
CA ASN D 361 2.29 -5.63 -21.45
C ASN D 361 3.58 -4.88 -21.72
N ILE D 362 3.57 -3.61 -22.04
CA ILE D 362 4.83 -2.95 -22.31
C ILE D 362 5.49 -2.54 -21.01
N ASP D 363 6.79 -2.76 -20.89
CA ASP D 363 7.41 -2.35 -19.66
C ASP D 363 7.31 -0.83 -19.59
N ILE D 364 6.99 -0.21 -18.44
CA ILE D 364 6.87 1.23 -18.41
C ILE D 364 7.92 2.05 -19.15
N TRP D 365 9.18 1.79 -18.83
CA TRP D 365 10.17 2.64 -19.46
C TRP D 365 10.08 2.92 -20.94
N MET D 366 9.73 1.90 -21.71
CA MET D 366 9.60 1.98 -23.15
C MET D 366 8.40 2.79 -23.60
N GLY D 367 7.27 2.51 -22.96
CA GLY D 367 6.05 3.21 -23.27
C GLY D 367 6.23 4.65 -22.83
N GLY D 368 6.91 4.82 -21.71
CA GLY D 368 7.14 6.15 -21.19
C GLY D 368 8.05 7.02 -22.06
N VAL D 369 9.20 6.49 -22.44
CA VAL D 369 10.12 7.25 -23.27
C VAL D 369 9.73 7.23 -24.74
N SER D 370 8.65 6.54 -25.02
CA SER D 370 8.36 6.52 -26.43
C SER D 370 7.04 7.10 -26.83
N GLU D 371 6.36 7.82 -25.94
CA GLU D 371 5.10 8.48 -26.24
C GLU D 371 5.57 9.83 -26.73
N PRO D 372 4.79 10.59 -27.48
CA PRO D 372 5.25 11.87 -27.94
C PRO D 372 5.46 12.91 -26.86
N LEU D 373 6.52 13.67 -27.06
CA LEU D 373 6.89 14.72 -26.15
C LEU D 373 5.82 15.74 -25.88
N LYS D 374 5.80 16.06 -24.60
CA LYS D 374 4.87 17.08 -24.15
C LYS D 374 5.26 18.39 -24.81
N ARG D 375 4.16 19.08 -25.05
CA ARG D 375 4.18 20.38 -25.65
C ARG D 375 5.04 21.27 -24.79
N LYS D 376 6.26 21.45 -25.28
CA LYS D 376 7.20 22.28 -24.58
C LYS D 376 7.83 21.51 -23.45
N GLY D 377 7.46 20.23 -23.41
CA GLY D 377 8.04 19.42 -22.37
C GLY D 377 9.26 18.72 -22.93
N ARG D 378 9.50 17.59 -22.28
CA ARG D 378 10.58 16.66 -22.56
C ARG D 378 10.16 15.33 -21.97
N VAL D 379 8.85 15.18 -21.85
CA VAL D 379 8.24 13.98 -21.30
C VAL D 379 6.85 13.85 -21.89
N GLY D 380 6.31 12.65 -21.88
CA GLY D 380 4.97 12.50 -22.43
C GLY D 380 4.02 12.42 -21.25
N PRO D 381 2.72 12.37 -21.45
CA PRO D 381 1.70 12.32 -20.43
C PRO D 381 1.84 11.30 -19.33
N LEU D 382 2.24 10.09 -19.72
CA LEU D 382 2.37 9.06 -18.72
C LEU D 382 3.42 9.48 -17.71
N LEU D 383 4.65 9.63 -18.19
CA LEU D 383 5.78 10.00 -17.39
C LEU D 383 5.44 11.30 -16.71
N ALA D 384 4.93 12.15 -17.57
CA ALA D 384 4.55 13.49 -17.20
C ALA D 384 3.71 13.46 -15.96
N CYS D 385 2.61 12.78 -16.16
CA CYS D 385 1.63 12.62 -15.11
C CYS D 385 2.38 11.94 -13.99
N ILE D 386 2.85 10.73 -14.26
CA ILE D 386 3.58 9.96 -13.27
C ILE D 386 4.67 10.69 -12.49
N ILE D 387 5.52 11.42 -13.22
CA ILE D 387 6.62 12.18 -12.68
C ILE D 387 6.26 13.41 -11.85
N GLY D 388 5.16 14.07 -12.21
CA GLY D 388 4.71 15.28 -11.55
C GLY D 388 3.84 14.95 -10.36
N THR D 389 3.27 13.76 -10.42
CA THR D 389 2.40 13.27 -9.37
C THR D 389 3.28 12.90 -8.16
N GLN D 390 4.58 12.87 -8.34
CA GLN D 390 5.48 12.48 -7.27
C GLN D 390 6.25 13.65 -6.74
N PHE D 391 6.29 14.68 -7.56
CA PHE D 391 7.06 15.81 -7.11
C PHE D 391 6.04 16.68 -6.40
N ARG D 392 4.78 16.29 -6.49
CA ARG D 392 3.77 17.10 -5.86
C ARG D 392 3.69 16.83 -4.37
N LYS D 393 3.72 15.54 -4.05
CA LYS D 393 3.67 14.99 -2.70
C LYS D 393 4.94 15.32 -1.94
N LEU D 394 6.00 15.35 -2.71
CA LEU D 394 7.33 15.63 -2.23
C LEU D 394 7.36 17.07 -1.74
N ARG D 395 6.44 17.86 -2.28
CA ARG D 395 6.32 19.24 -1.88
C ARG D 395 5.29 19.34 -0.75
N ASP D 396 4.06 18.91 -0.99
CA ASP D 396 3.12 19.05 0.10
C ASP D 396 3.34 18.12 1.27
N GLY D 397 4.06 17.05 1.03
CA GLY D 397 4.30 16.04 2.04
C GLY D 397 5.18 16.54 3.16
N ASP D 398 6.27 17.11 2.69
CA ASP D 398 7.41 17.65 3.39
C ASP D 398 7.27 18.78 4.39
N ARG D 399 7.48 18.44 5.65
CA ARG D 399 7.41 19.42 6.71
C ARG D 399 8.45 20.53 6.71
N PHE D 400 9.55 20.34 6.01
CA PHE D 400 10.61 21.32 5.97
C PHE D 400 10.74 21.92 4.58
N TRP D 401 9.58 22.11 3.99
CA TRP D 401 9.64 22.72 2.68
C TRP D 401 10.03 24.17 2.90
N TRP D 402 10.94 24.73 2.11
CA TRP D 402 11.35 26.09 2.33
C TRP D 402 10.24 27.12 2.55
N GLU D 403 9.14 26.89 1.85
CA GLU D 403 8.01 27.77 1.96
C GLU D 403 7.03 27.46 3.07
N ASN D 404 7.31 26.49 3.94
CA ASN D 404 6.40 26.18 5.02
C ASN D 404 6.54 27.23 6.12
N GLU D 405 5.40 27.54 6.71
CA GLU D 405 5.32 28.54 7.75
C GLU D 405 6.43 28.52 8.78
N GLY D 406 6.64 27.39 9.44
CA GLY D 406 7.66 27.49 10.47
C GLY D 406 9.14 27.42 10.12
N VAL D 407 9.49 27.42 8.85
CA VAL D 407 10.91 27.24 8.72
C VAL D 407 11.88 28.38 8.58
N PHE D 408 11.64 29.24 7.62
CA PHE D 408 12.54 30.28 7.24
C PHE D 408 11.71 31.54 7.38
N SER D 409 12.24 32.48 8.13
CA SER D 409 11.44 33.67 8.31
C SER D 409 11.32 34.34 6.97
N MET D 410 10.35 35.26 6.93
CA MET D 410 9.93 36.11 5.83
C MET D 410 11.08 36.76 5.09
N GLN D 411 12.09 37.10 5.86
CA GLN D 411 13.19 37.74 5.17
C GLN D 411 14.04 36.69 4.50
N GLN D 412 14.41 35.71 5.31
CA GLN D 412 15.22 34.59 4.86
C GLN D 412 14.70 34.09 3.52
N ARG D 413 13.39 33.96 3.50
CA ARG D 413 12.61 33.54 2.36
C ARG D 413 12.85 34.44 1.16
N GLN D 414 12.75 35.73 1.44
CA GLN D 414 12.91 36.69 0.38
C GLN D 414 14.24 36.46 -0.30
N ALA D 415 15.24 36.39 0.58
CA ALA D 415 16.62 36.18 0.23
C ALA D 415 16.85 34.98 -0.68
N LEU D 416 16.44 33.85 -0.10
CA LEU D 416 16.50 32.51 -0.67
C LEU D 416 15.93 32.54 -2.06
N ALA D 417 14.75 33.13 -2.16
CA ALA D 417 14.02 33.26 -3.39
C ALA D 417 14.88 33.81 -4.49
N GLN D 418 16.04 34.69 -4.04
CA GLN D 418 16.59 35.07 -5.35
C GLN D 418 17.96 34.42 -5.55
N ILE D 419 18.11 33.12 -5.19
CA ILE D 419 19.35 32.47 -5.53
C ILE D 419 19.17 31.90 -6.92
N SER D 420 20.27 31.45 -7.49
CA SER D 420 20.33 30.87 -8.82
C SER D 420 21.55 29.97 -8.95
N LEU D 421 21.41 28.91 -9.76
CA LEU D 421 22.49 27.96 -9.96
C LEU D 421 23.73 28.50 -10.66
N PRO D 422 23.60 29.57 -11.41
CA PRO D 422 24.77 30.08 -12.08
C PRO D 422 25.62 30.80 -11.07
N ARG D 423 24.94 31.52 -10.19
CA ARG D 423 25.66 32.20 -9.13
C ARG D 423 26.36 31.23 -8.19
N ILE D 424 25.80 30.03 -8.07
CA ILE D 424 26.40 29.06 -7.19
C ILE D 424 27.66 28.62 -7.91
N ILE D 425 27.50 28.53 -9.21
CA ILE D 425 28.59 28.11 -10.04
C ILE D 425 29.68 29.13 -10.16
N CYS D 426 29.32 30.40 -9.97
CA CYS D 426 30.31 31.46 -10.05
C CYS D 426 30.98 31.62 -8.70
N ASP D 427 30.20 31.38 -7.67
CA ASP D 427 30.75 31.56 -6.35
C ASP D 427 31.79 30.50 -6.01
N ASN D 428 31.54 29.24 -6.35
CA ASN D 428 32.54 28.29 -5.97
C ASN D 428 33.40 27.67 -7.06
N THR D 429 33.23 28.23 -8.25
CA THR D 429 34.13 27.66 -9.22
C THR D 429 35.13 28.72 -9.59
N GLY D 430 35.72 28.63 -10.75
CA GLY D 430 36.67 29.70 -10.99
C GLY D 430 36.32 30.30 -12.32
N ILE D 431 35.08 30.05 -12.72
CA ILE D 431 34.68 30.57 -14.00
C ILE D 431 33.93 31.84 -13.72
N THR D 432 34.05 32.72 -14.71
CA THR D 432 33.50 34.06 -14.72
C THR D 432 32.27 34.40 -15.55
N THR D 433 32.02 33.65 -16.63
CA THR D 433 30.83 33.94 -17.43
C THR D 433 29.98 32.70 -17.42
N VAL D 434 28.95 32.76 -16.61
CA VAL D 434 28.03 31.65 -16.47
C VAL D 434 26.93 31.82 -17.50
N SER D 435 25.91 30.96 -17.53
CA SER D 435 24.78 31.04 -18.44
C SER D 435 23.65 31.96 -17.97
N LYS D 436 22.91 32.64 -18.85
CA LYS D 436 21.84 33.43 -18.30
C LYS D 436 20.75 32.46 -17.89
N ASN D 437 19.76 32.99 -17.20
CA ASN D 437 18.63 32.27 -16.66
C ASN D 437 18.11 31.01 -17.34
N ASN D 438 17.86 29.98 -16.53
CA ASN D 438 17.39 28.70 -17.00
C ASN D 438 18.48 28.10 -17.86
N ILE D 439 19.51 27.79 -17.08
CA ILE D 439 20.70 27.16 -17.58
C ILE D 439 20.19 25.85 -18.11
N PHE D 440 19.09 25.43 -17.50
CA PHE D 440 18.53 24.19 -17.99
C PHE D 440 18.16 24.44 -19.45
N MET D 441 17.90 25.70 -19.77
CA MET D 441 17.56 26.06 -21.12
C MET D 441 18.65 26.70 -21.99
N SER D 442 19.37 27.73 -21.56
CA SER D 442 20.41 28.42 -22.32
C SER D 442 21.58 27.51 -22.68
N ASN D 443 22.26 27.71 -23.80
CA ASN D 443 23.36 26.84 -24.17
C ASN D 443 24.17 27.19 -25.41
N SER D 444 24.24 28.47 -25.84
CA SER D 444 24.94 28.94 -27.03
C SER D 444 26.12 29.81 -26.61
N TYR D 445 27.65 29.90 -27.26
CA TYR D 445 28.35 30.72 -26.26
C TYR D 445 27.76 32.11 -26.24
N PRO D 446 28.33 32.78 -27.73
CA PRO D 446 28.42 34.18 -27.39
C PRO D 446 27.36 34.55 -26.37
N ARG D 447 26.14 34.11 -26.63
CA ARG D 447 24.95 34.96 -26.36
C ARG D 447 24.13 34.55 -25.13
N ASP D 448 23.82 33.25 -25.03
CA ASP D 448 22.76 32.68 -24.13
C ASP D 448 23.39 31.78 -23.04
N PHE D 449 24.20 33.26 -22.50
CA PHE D 449 25.03 33.50 -21.31
C PHE D 449 25.13 34.95 -20.82
N VAL D 450 25.96 35.25 -19.80
CA VAL D 450 26.17 36.57 -19.20
C VAL D 450 27.43 36.61 -18.32
N ASN D 451 27.95 37.71 -17.71
CA ASN D 451 29.14 37.78 -16.83
C ASN D 451 28.70 37.51 -15.41
N CYS D 452 29.60 37.16 -14.47
CA CYS D 452 29.16 36.86 -13.12
C CYS D 452 28.99 38.04 -12.18
N SER D 453 28.53 39.17 -12.64
CA SER D 453 28.39 40.30 -11.74
C SER D 453 26.97 40.80 -11.92
N THR D 454 26.42 40.47 -13.09
CA THR D 454 25.08 40.81 -13.46
C THR D 454 24.25 39.75 -12.80
N LEU D 455 24.85 39.20 -11.75
CA LEU D 455 24.11 38.16 -11.08
C LEU D 455 23.90 38.56 -9.64
N PRO D 456 22.69 38.44 -9.10
CA PRO D 456 22.40 38.73 -7.71
C PRO D 456 23.40 37.99 -6.82
N ALA D 457 23.08 37.94 -5.53
CA ALA D 457 23.90 37.28 -4.51
C ALA D 457 23.10 36.79 -3.31
N LEU D 458 23.52 35.83 -2.52
CA LEU D 458 22.65 35.47 -1.40
C LEU D 458 22.84 36.57 -0.35
N ASN D 459 21.91 36.75 0.58
CA ASN D 459 22.11 37.76 1.59
C ASN D 459 21.94 37.12 2.95
N LEU D 460 23.00 36.83 3.68
CA LEU D 460 22.78 36.15 4.94
C LEU D 460 22.42 37.05 6.10
N ALA D 461 22.17 38.32 5.76
CA ALA D 461 21.87 39.38 6.71
C ALA D 461 20.73 38.98 7.62
N SER D 462 19.88 38.04 7.19
CA SER D 462 18.81 37.68 8.09
C SER D 462 19.13 36.43 8.86
N TRP D 463 19.80 35.74 8.45
CA TRP D 463 20.31 34.65 9.31
C TRP D 463 21.23 35.23 10.40
C1 NAG E . -11.49 0.57 -12.79
C2 NAG E . -11.80 1.72 -13.76
C3 NAG E . -10.63 2.71 -13.77
C4 NAG E . -10.31 3.24 -12.38
C5 NAG E . -10.11 2.04 -11.41
C6 NAG E . -10.16 2.40 -9.94
C7 NAG E . -13.01 1.44 -15.89
C8 NAG E . -12.95 0.87 -17.36
N2 NAG E . -11.90 1.24 -15.14
O3 NAG E . -10.97 3.84 -14.58
O4 NAG E . -8.96 3.72 -12.37
O5 NAG E . -11.25 1.14 -11.50
O6 NAG E . -11.46 2.49 -9.39
O7 NAG E . -14.02 2.01 -15.46
C1 NAG E . -8.74 5.06 -11.93
C2 NAG E . -7.22 5.21 -11.75
C3 NAG E . -6.86 6.66 -11.43
C4 NAG E . -7.48 7.58 -12.46
C5 NAG E . -8.98 7.41 -12.45
C6 NAG E . -9.75 8.37 -13.32
C7 NAG E . -6.62 2.92 -11.10
C8 NAG E . -6.02 2.00 -9.98
N2 NAG E . -6.70 4.23 -10.80
O3 NAG E . -5.44 6.84 -11.41
O4 NAG E . -7.10 9.07 -12.20
O5 NAG E . -9.24 6.05 -12.84
O6 NAG E . -10.93 8.91 -12.73
O7 NAG E . -6.98 2.45 -12.20
C1 NAG F . -21.45 -39.69 3.09
C2 NAG F . -21.68 -39.27 4.55
C3 NAG F . -22.56 -40.32 5.25
C4 NAG F . -23.88 -40.52 4.49
C5 NAG F . -23.55 -40.93 3.05
C6 NAG F . -24.74 -41.00 2.14
C7 NAG F . -20.31 -38.30 6.35
C8 NAG F . -18.89 -38.19 7.00
N2 NAG F . -20.42 -39.08 5.26
O3 NAG F . -22.86 -39.89 6.57
O4 NAG F . -24.80 -41.26 5.29
O5 NAG F . -22.73 -39.90 2.46
O6 NAG F . -25.85 -40.19 2.53
O7 NAG F . -21.28 -37.70 6.85
C1 NAG F . -25.14 -42.56 4.83
C2 NAG F . -25.58 -43.38 6.06
C3 NAG F . -26.17 -44.73 5.61
C4 NAG F . -27.24 -44.54 4.55
C5 NAG F . -26.63 -43.81 3.36
C6 NAG F . -27.53 -43.62 2.17
C7 NAG F . -24.69 -43.86 8.31
C8 NAG F . -23.49 -43.63 9.30
N2 NAG F . -24.51 -43.43 7.05
O3 NAG F . -26.84 -45.35 6.72
O4 NAG F . -27.75 -45.81 4.13
O5 NAG F . -26.19 -42.52 3.84
O6 NAG F . -26.98 -44.02 0.93
O7 NAG F . -25.70 -44.49 8.68
C1 NAG G . -25.66 -28.79 31.00
C2 NAG G . -27.00 -28.20 31.44
C3 NAG G . -28.06 -29.31 31.50
C4 NAG G . -28.14 -30.03 30.17
C5 NAG G . -26.77 -30.62 29.84
C6 NAG G . -26.72 -31.49 28.63
C7 NAG G . -26.26 -27.65 33.72
C8 NAG G . -26.10 -26.52 34.80
N2 NAG G . -26.84 -27.27 32.55
O3 NAG G . -29.34 -28.74 31.82
O4 NAG G . -28.80 -31.30 30.26
O5 NAG G . -25.82 -29.53 29.78
O6 NAG G . -27.82 -32.39 28.49
O7 NAG G . -25.90 -28.80 33.95
C1 NAG G . -29.81 -31.42 31.21
C2 NAG G . -31.10 -31.81 30.45
C3 NAG G . -32.22 -32.17 31.44
C4 NAG G . -31.75 -33.24 32.40
C5 NAG G . -30.52 -32.74 33.13
C6 NAG G . -29.93 -33.70 34.13
C7 NAG G . -32.77 -30.81 28.94
C8 NAG G . -33.22 -29.53 28.15
N2 NAG G . -31.62 -30.69 29.66
O3 NAG G . -33.35 -32.67 30.73
O4 NAG G . -32.80 -33.55 33.33
O5 NAG G . -29.49 -32.45 32.16
O6 NAG G . -28.74 -34.34 33.71
O7 NAG G . -33.43 -31.86 28.88
C1 NAG H . -4.24 16.27 1.83
C2 NAG H . -5.53 17.03 1.55
C3 NAG H . -6.72 16.09 1.61
C4 NAG H . -6.58 14.94 0.62
C5 NAG H . -5.20 14.25 0.83
C6 NAG H . -4.73 13.39 -0.33
C7 NAG H . -5.84 19.31 2.47
C8 NAG H . -6.29 20.16 3.71
N2 NAG H . -5.84 17.96 2.64
O3 NAG H . -7.93 16.79 1.31
O4 NAG H . -7.57 13.95 0.94
O5 NAG H . -4.13 15.25 0.82
O6 NAG H . -4.08 14.09 -1.38
O7 NAG H . -5.49 19.85 1.41
C1 NAG H . -8.22 13.31 -0.11
C2 NAG H . -8.52 11.88 0.41
C3 NAG H . -9.39 11.12 -0.58
C4 NAG H . -10.66 11.87 -0.88
C5 NAG H . -10.30 13.24 -1.44
C6 NAG H . -11.48 14.12 -1.76
C7 NAG H . -6.91 11.01 2.03
C8 NAG H . -5.54 10.27 2.24
N2 NAG H . -7.29 11.19 0.75
O3 NAG H . -9.75 9.84 -0.02
O4 NAG H . -11.47 11.12 -1.80
O5 NAG H . -9.48 13.94 -0.45
O6 NAG H . -12.70 13.77 -1.12
O7 NAG H . -7.59 11.39 3.00
C1 NAG I . 39.51 20.94 8.81
C2 NAG I . 40.05 20.30 7.52
C3 NAG I . 41.46 20.81 7.25
C4 NAG I . 41.49 22.32 7.24
C5 NAG I . 41.01 22.84 8.58
C6 NAG I . 40.93 24.34 8.69
C7 NAG I . 39.84 18.13 6.40
C8 NAG I . 39.62 16.58 6.57
N2 NAG I . 39.89 18.85 7.53
O3 NAG I . 41.94 20.28 6.00
O4 NAG I . 42.65 22.80 6.59
O5 NAG I . 39.66 22.37 8.75
O6 NAG I . 40.17 24.97 7.67
O7 NAG I . 39.97 18.63 5.27
C1 NAG I . 43.76 23.11 7.40
C2 NAG I . 44.82 23.66 6.46
C3 NAG I . 46.02 24.17 7.25
C4 NAG I . 45.59 25.16 8.34
C5 NAG I . 44.58 24.47 9.24
C6 NAG I . 44.00 25.34 10.34
C7 NAG I . 46.25 22.58 4.79
C8 NAG I . 46.40 21.36 3.81
N2 NAG I . 45.07 22.68 5.42
O3 NAG I . 46.91 24.87 6.38
O4 NAG I . 46.72 25.56 9.11
O5 NAG I . 43.45 24.08 8.43
O6 NAG I . 42.75 25.93 10.03
O7 NAG I . 47.17 23.41 4.92
C1 NAG J . 46.44 7.96 -16.12
C2 NAG J . 46.31 8.22 -17.62
C3 NAG J . 47.69 8.37 -18.23
C4 NAG J . 48.41 9.51 -17.58
C5 NAG J . 48.50 9.26 -16.07
C6 NAG J . 49.00 10.44 -15.27
C7 NAG J . 45.56 7.12 -19.68
C8 NAG J . 45.05 5.80 -20.36
N2 NAG J . 45.77 7.07 -18.35
O3 NAG J . 47.59 8.65 -19.63
O4 NAG J . 49.58 9.84 -18.29
O5 NAG J . 47.17 9.05 -15.54
O6 NAG J . 48.14 11.59 -15.29
O7 NAG J . 45.75 8.15 -20.36
C1 NAG J . 49.80 11.18 -18.36
C2 NAG J . 51.22 11.47 -17.93
C3 NAG J . 51.44 12.97 -17.98
C4 NAG J . 51.08 13.54 -19.36
C5 NAG J . 49.66 13.13 -19.74
C6 NAG J . 49.22 13.53 -21.13
C7 NAG J . 52.74 10.25 -16.41
C8 NAG J . 52.88 9.48 -15.05
N2 NAG J . 51.53 10.80 -16.66
O3 NAG J . 52.79 13.29 -17.67
O4 NAG J . 51.05 14.97 -19.30
O5 NAG J . 49.58 11.70 -19.66
O6 NAG J . 49.78 12.75 -22.17
O7 NAG J . 53.70 10.36 -17.19
CA CA K . -15.04 -14.95 1.55
CHA HEM L . -13.83 -9.34 16.55
CHB HEM L . -17.39 -7.98 13.46
CHC HEM L . -20.51 -10.30 16.29
CHD HEM L . -17.07 -11.40 19.42
C1A HEM L . -14.50 -8.91 15.37
C2A HEM L . -13.89 -8.48 14.11
C3A HEM L . -14.86 -8.03 13.30
C4A HEM L . -16.14 -8.21 13.98
CMA HEM L . -14.67 -7.43 11.93
CAA HEM L . -12.47 -8.74 13.66
CBA HEM L . -12.54 -9.69 12.50
CGA HEM L . -11.20 -10.45 12.43
O1A HEM L . -10.17 -9.86 12.60
O2A HEM L . -11.19 -11.63 12.21
C1B HEM L . -18.56 -8.47 13.94
C2B HEM L . -19.90 -8.29 13.39
C3B HEM L . -20.76 -8.92 14.22
C4B HEM L . -19.97 -9.52 15.28
CMB HEM L . -20.27 -7.55 12.13
CAB HEM L . -22.26 -9.00 14.05
CBB HEM L . -23.00 -9.55 15.00
C1C HEM L . -19.89 -10.74 17.40
C2C HEM L . -20.53 -11.36 18.57
C3C HEM L . -19.56 -11.68 19.44
C4C HEM L . -18.30 -11.26 18.83
CMC HEM L . -22.02 -11.60 18.78
CAC HEM L . -19.74 -12.34 20.78
CBC HEM L . -20.94 -12.75 21.17
C1D HEM L . -15.88 -10.93 18.97
C2D HEM L . -14.57 -11.14 19.61
C3D HEM L . -13.66 -10.55 18.83
C4D HEM L . -14.37 -9.96 17.70
CMD HEM L . -14.30 -11.87 20.90
CAD HEM L . -12.17 -10.53 19.07
CBD HEM L . -11.83 -9.24 19.76
CGD HEM L . -10.48 -8.73 19.18
O1D HEM L . -10.48 -7.93 18.29
O2D HEM L . -9.45 -9.13 19.64
NA HEM L . -15.88 -8.99 15.10
NB HEM L . -18.64 -9.23 15.07
NC HEM L . -18.56 -10.69 17.60
ND HEM L . -15.72 -10.22 17.83
FE HEM L . -17.16 -9.54 16.37
CA CA M . 16.81 12.80 -0.16
CHA HEM N . 19.74 3.54 -12.72
CHB HEM N . 17.99 8.00 -13.42
CHC HEM N . 21.96 8.94 -15.93
CHD HEM N . 23.66 4.51 -15.17
C1A HEM N . 19.00 4.70 -12.55
C2A HEM N . 17.88 4.88 -11.63
C3A HEM N . 17.38 6.12 -11.83
C4A HEM N . 18.14 6.72 -12.92
CMA HEM N . 16.24 6.75 -11.08
CAA HEM N . 17.37 3.87 -10.62
CBA HEM N . 17.59 4.44 -9.25
CGA HEM N . 17.81 3.25 -8.27
O1A HEM N . 18.93 2.88 -8.02
O2A HEM N . 16.87 2.72 -7.76
C1B HEM N . 18.86 8.65 -14.25
C2B HEM N . 18.73 10.00 -14.78
C3B HEM N . 19.85 10.25 -15.49
C4B HEM N . 20.67 9.05 -15.42
CMB HEM N . 17.58 10.94 -14.58
CAB HEM N . 20.16 11.53 -16.23
CBB HEM N . 21.29 11.62 -16.95
C1C HEM N . 22.77 7.81 -15.95
C2C HEM N . 24.10 7.71 -16.53
C3C HEM N . 24.47 6.41 -16.45
C4C HEM N . 23.45 5.73 -15.67
CMC HEM N . 24.98 8.85 -17.01
CAC HEM N . 25.67 5.78 -17.14
CBC HEM N . 26.84 6.40 -17.14
C1D HEM N . 22.78 3.84 -14.47
C2D HEM N . 22.91 2.47 -14.00
C3D HEM N . 21.77 2.18 -13.37
C4D HEM N . 20.94 3.38 -13.39
CMD HEM N . 24.10 1.57 -14.17
CAD HEM N . 21.40 0.84 -12.79
CBD HEM N . 20.57 0.11 -13.81
CGD HEM N . 19.66 -0.88 -13.05
O1D HEM N . 18.56 -1.11 -13.46
O2D HEM N . 20.07 -1.43 -12.07
NA HEM N . 19.24 5.91 -13.15
NB HEM N . 20.03 8.10 -14.65
NC HEM N . 22.49 6.64 -15.29
ND HEM N . 21.64 4.39 -14.05
FE HEM N . 20.93 6.30 -14.18
#